data_8GQO
#
_entry.id   8GQO
#
_entity_poly.entity_id   1
_entity_poly.type   'polypeptide(L)'
_entity_poly.pdbx_seq_one_letter_code
;MHHHHHHSGIEGRATHAAFEYSKSIGGTPALDRRVQDVNDTISDVKQKWRCVVYPGNGFVSASIFGFQAEVGPNNTRSIR
KFNTMQQCIDFTFSDVININIYNPCVVPNINNAECQFLKSVL
;
_entity_poly.pdbx_strand_id   A
#
# COMPACT_ATOMS: atom_id res chain seq x y z
N ALA A 14 57.06 -9.17 -28.31
CA ALA A 14 56.69 -9.87 -27.06
C ALA A 14 55.35 -10.59 -27.21
N THR A 15 55.03 -11.51 -26.30
CA THR A 15 53.77 -12.30 -26.28
C THR A 15 53.12 -12.35 -24.89
N HIS A 16 53.17 -11.19 -24.21
CA HIS A 16 52.73 -10.94 -22.82
C HIS A 16 51.39 -10.19 -22.76
N ALA A 17 50.46 -10.70 -21.97
CA ALA A 17 49.09 -10.19 -21.82
C ALA A 17 48.47 -10.40 -20.41
N ALA A 18 49.24 -10.89 -19.43
CA ALA A 18 48.80 -11.02 -18.03
C ALA A 18 48.61 -9.65 -17.34
N PHE A 19 47.82 -9.64 -16.26
CA PHE A 19 47.52 -8.44 -15.46
C PHE A 19 47.20 -8.72 -13.97
N GLU A 20 47.15 -9.99 -13.57
CA GLU A 20 46.73 -10.53 -12.26
C GLU A 20 45.29 -10.15 -11.86
N TYR A 21 45.04 -8.86 -11.62
CA TYR A 21 43.74 -8.28 -11.24
C TYR A 21 43.38 -6.98 -11.98
N SER A 22 44.34 -6.34 -12.68
CA SER A 22 44.17 -4.99 -13.22
C SER A 22 43.37 -4.95 -14.53
N LYS A 23 42.16 -4.37 -14.51
CA LYS A 23 41.31 -4.14 -15.70
C LYS A 23 40.71 -2.74 -15.79
N SER A 24 40.70 -1.97 -14.69
CA SER A 24 40.13 -0.63 -14.55
C SER A 24 40.93 0.24 -13.57
N ILE A 25 40.78 1.57 -13.65
CA ILE A 25 41.51 2.55 -12.83
C ILE A 25 41.13 2.50 -11.34
N GLY A 26 41.98 3.08 -10.48
CA GLY A 26 41.91 3.01 -9.02
C GLY A 26 40.96 4.01 -8.37
N GLY A 27 41.42 4.70 -7.33
CA GLY A 27 40.62 5.57 -6.47
C GLY A 27 40.07 4.86 -5.23
N THR A 28 39.78 5.63 -4.18
CA THR A 28 39.34 5.15 -2.85
C THR A 28 38.28 6.05 -2.19
N PRO A 29 37.45 5.52 -1.27
CA PRO A 29 36.51 6.30 -0.47
C PRO A 29 37.16 7.47 0.28
N ALA A 30 36.45 8.60 0.38
CA ALA A 30 37.03 9.87 0.82
C ALA A 30 37.17 9.99 2.36
N LEU A 31 36.15 9.56 3.12
CA LEU A 31 36.10 9.60 4.58
C LEU A 31 35.51 8.32 5.20
N ASP A 32 34.52 7.68 4.57
CA ASP A 32 33.86 6.47 5.08
C ASP A 32 33.58 5.48 3.95
N ARG A 33 34.06 4.24 4.10
CA ARG A 33 33.92 3.16 3.10
C ARG A 33 32.49 2.61 2.96
N ARG A 34 31.62 2.84 3.95
CA ARG A 34 30.22 2.37 3.96
C ARG A 34 29.20 3.52 3.95
N VAL A 35 27.97 3.24 3.54
CA VAL A 35 26.88 4.23 3.41
C VAL A 35 25.69 3.90 4.32
N GLN A 36 24.99 4.93 4.82
CA GLN A 36 23.95 4.78 5.84
C GLN A 36 22.58 4.31 5.31
N ASP A 37 21.89 3.49 6.10
CA ASP A 37 20.45 3.23 6.01
C ASP A 37 19.68 4.21 6.93
N VAL A 38 18.60 4.81 6.41
CA VAL A 38 17.89 5.92 7.06
C VAL A 38 16.36 5.74 7.02
N ASN A 39 15.79 5.29 5.90
CA ASN A 39 14.33 5.15 5.72
C ASN A 39 13.93 4.04 4.72
N ASP A 40 14.54 4.06 3.53
CA ASP A 40 14.32 3.17 2.37
C ASP A 40 12.88 3.06 1.80
N THR A 41 11.85 2.84 2.62
CA THR A 41 10.43 2.65 2.24
C THR A 41 9.43 3.03 3.35
N ILE A 42 9.88 3.69 4.43
CA ILE A 42 9.06 3.98 5.61
C ILE A 42 8.33 5.33 5.47
N SER A 43 7.10 5.28 4.95
CA SER A 43 6.14 6.39 4.97
C SER A 43 5.03 6.05 5.96
N ASP A 44 5.18 6.47 7.23
CA ASP A 44 4.51 5.85 8.38
C ASP A 44 2.99 5.78 8.28
N VAL A 45 2.33 6.85 7.81
CA VAL A 45 0.86 6.90 7.64
C VAL A 45 0.38 5.87 6.63
N LYS A 46 1.18 5.62 5.59
CA LYS A 46 0.92 4.70 4.47
C LYS A 46 1.36 3.25 4.75
N GLN A 47 2.13 3.04 5.82
CA GLN A 47 2.62 1.73 6.28
C GLN A 47 1.84 1.17 7.48
N LYS A 48 0.95 1.95 8.10
CA LYS A 48 0.10 1.52 9.24
C LYS A 48 -0.95 0.48 8.84
N TRP A 49 -1.34 0.47 7.56
CA TRP A 49 -2.58 -0.09 7.01
C TRP A 49 -3.81 0.76 7.40
N ARG A 50 -4.71 1.02 6.44
CA ARG A 50 -5.87 1.94 6.58
C ARG A 50 -7.11 1.37 5.89
N CYS A 51 -8.28 1.71 6.41
CA CYS A 51 -9.58 1.45 5.79
C CYS A 51 -10.29 2.77 5.41
N VAL A 52 -11.13 2.73 4.36
CA VAL A 52 -11.89 3.88 3.84
C VAL A 52 -13.28 3.43 3.35
N VAL A 53 -14.18 4.40 3.19
CA VAL A 53 -15.57 4.18 2.77
C VAL A 53 -15.74 4.32 1.25
N TYR A 54 -15.97 3.19 0.58
CA TYR A 54 -16.33 3.15 -0.85
C TYR A 54 -17.80 3.53 -1.07
N PRO A 55 -18.14 4.28 -2.15
CA PRO A 55 -19.51 4.69 -2.40
C PRO A 55 -20.47 3.50 -2.49
N GLY A 56 -21.67 3.66 -1.91
CA GLY A 56 -22.54 2.56 -1.51
C GLY A 56 -22.36 2.13 -0.04
N ASN A 57 -21.38 2.72 0.66
CA ASN A 57 -21.00 2.44 2.04
C ASN A 57 -20.62 0.96 2.27
N GLY A 58 -19.78 0.47 1.37
CA GLY A 58 -18.94 -0.70 1.55
C GLY A 58 -17.54 -0.25 1.98
N PHE A 59 -17.02 -0.84 3.04
CA PHE A 59 -15.72 -0.46 3.60
C PHE A 59 -14.61 -1.30 2.96
N VAL A 60 -13.44 -0.70 2.67
CA VAL A 60 -12.33 -1.33 1.93
C VAL A 60 -10.97 -0.97 2.53
N SER A 61 -9.96 -1.84 2.36
CA SER A 61 -8.64 -1.74 3.03
C SER A 61 -7.46 -1.58 2.05
N ALA A 62 -6.45 -0.80 2.44
CA ALA A 62 -5.28 -0.44 1.63
C ALA A 62 -3.98 -0.25 2.45
N SER A 63 -2.87 -0.09 1.72
CA SER A 63 -1.56 0.39 2.20
C SER A 63 -0.82 1.14 1.09
N ILE A 64 0.45 1.50 1.35
CA ILE A 64 1.34 2.06 0.34
C ILE A 64 1.53 1.17 -0.90
N PHE A 65 1.42 -0.15 -0.70
CA PHE A 65 1.64 -1.15 -1.76
C PHE A 65 0.40 -1.46 -2.61
N GLY A 66 -0.82 -1.09 -2.18
CA GLY A 66 -2.04 -1.30 -2.95
C GLY A 66 -3.29 -1.54 -2.10
N PHE A 67 -4.25 -2.29 -2.64
CA PHE A 67 -5.55 -2.56 -2.03
C PHE A 67 -5.76 -4.06 -1.80
N GLN A 68 -6.51 -4.43 -0.74
CA GLN A 68 -6.91 -5.83 -0.52
C GLN A 68 -7.90 -6.28 -1.60
N ALA A 69 -7.67 -7.45 -2.19
CA ALA A 69 -8.43 -7.93 -3.36
C ALA A 69 -8.98 -9.35 -3.17
N GLU A 70 -10.18 -9.61 -3.71
CA GLU A 70 -10.88 -10.90 -3.62
C GLU A 70 -11.32 -11.40 -5.00
N VAL A 71 -10.85 -12.59 -5.37
CA VAL A 71 -11.31 -13.34 -6.53
C VAL A 71 -12.65 -14.01 -6.26
N GLY A 72 -13.63 -13.75 -7.13
CA GLY A 72 -14.94 -14.39 -7.12
C GLY A 72 -14.97 -15.71 -7.91
N PRO A 73 -15.81 -16.70 -7.55
CA PRO A 73 -15.74 -18.07 -8.08
C PRO A 73 -16.12 -18.22 -9.57
N ASN A 74 -16.71 -17.21 -10.20
CA ASN A 74 -16.85 -17.11 -11.66
C ASN A 74 -15.55 -16.62 -12.36
N ASN A 75 -14.42 -16.65 -11.63
CA ASN A 75 -13.11 -16.08 -11.97
C ASN A 75 -13.20 -14.59 -12.34
N THR A 76 -13.97 -13.85 -11.53
CA THR A 76 -14.01 -12.39 -11.47
C THR A 76 -13.08 -11.88 -10.37
N ARG A 77 -12.89 -10.56 -10.25
CA ARG A 77 -12.15 -9.95 -9.14
C ARG A 77 -12.72 -8.61 -8.69
N SER A 78 -12.64 -8.37 -7.39
CA SER A 78 -13.12 -7.15 -6.72
C SER A 78 -12.13 -6.63 -5.69
N ILE A 79 -12.25 -5.36 -5.29
CA ILE A 79 -11.69 -4.89 -4.01
C ILE A 79 -12.41 -5.63 -2.87
N ARG A 80 -11.66 -6.14 -1.90
CA ARG A 80 -12.18 -6.83 -0.71
C ARG A 80 -12.96 -5.84 0.15
N LYS A 81 -14.22 -6.17 0.40
CA LYS A 81 -15.25 -5.28 0.95
C LYS A 81 -15.82 -5.81 2.27
N PHE A 82 -16.23 -4.91 3.16
CA PHE A 82 -16.76 -5.19 4.49
C PHE A 82 -18.02 -4.33 4.77
N ASN A 83 -18.86 -4.76 5.71
CA ASN A 83 -20.11 -4.05 6.02
C ASN A 83 -19.93 -2.88 7.00
N THR A 84 -18.87 -2.88 7.80
CA THR A 84 -18.48 -1.78 8.73
C THR A 84 -16.99 -1.47 8.64
N MET A 85 -16.61 -0.26 9.04
CA MET A 85 -15.20 0.12 9.20
C MET A 85 -14.51 -0.80 10.22
N GLN A 86 -15.26 -1.27 11.22
CA GLN A 86 -14.72 -2.09 12.32
C GLN A 86 -14.40 -3.52 11.87
N GLN A 87 -15.21 -4.10 10.96
CA GLN A 87 -14.89 -5.36 10.28
C GLN A 87 -13.66 -5.22 9.38
N CYS A 88 -13.52 -4.08 8.68
CA CYS A 88 -12.38 -3.79 7.81
C CYS A 88 -11.08 -3.68 8.62
N ILE A 89 -11.11 -2.93 9.73
CA ILE A 89 -9.96 -2.74 10.63
C ILE A 89 -9.54 -4.07 11.27
N ASP A 90 -10.49 -4.86 11.78
CA ASP A 90 -10.18 -6.13 12.46
C ASP A 90 -9.68 -7.20 11.48
N PHE A 91 -10.23 -7.27 10.26
CA PHE A 91 -9.72 -8.18 9.23
C PHE A 91 -8.31 -7.78 8.80
N THR A 92 -8.05 -6.48 8.63
CA THR A 92 -6.72 -5.94 8.30
C THR A 92 -5.68 -6.23 9.40
N PHE A 93 -6.12 -6.26 10.67
CA PHE A 93 -5.31 -6.68 11.82
C PHE A 93 -5.11 -8.19 11.94
N SER A 94 -5.96 -8.97 11.29
CA SER A 94 -5.97 -10.45 11.29
C SER A 94 -5.01 -11.04 10.24
N ASP A 95 -3.79 -10.50 10.15
CA ASP A 95 -2.84 -10.78 9.06
C ASP A 95 -2.38 -12.23 8.95
N VAL A 96 -2.64 -13.04 9.98
CA VAL A 96 -2.45 -14.51 10.04
C VAL A 96 -3.15 -15.23 8.86
N ILE A 97 -4.17 -14.62 8.27
CA ILE A 97 -4.89 -15.09 7.08
C ILE A 97 -3.98 -15.18 5.83
N ASN A 98 -2.84 -14.47 5.79
CA ASN A 98 -2.04 -14.19 4.59
C ASN A 98 -2.88 -13.53 3.48
N ILE A 99 -3.10 -12.22 3.63
CA ILE A 99 -4.11 -11.46 2.88
C ILE A 99 -3.57 -11.04 1.49
N ASN A 100 -4.34 -11.33 0.44
CA ASN A 100 -4.04 -10.93 -0.94
C ASN A 100 -4.23 -9.41 -1.14
N ILE A 101 -3.20 -8.75 -1.66
CA ILE A 101 -3.28 -7.37 -2.19
C ILE A 101 -2.99 -7.33 -3.70
N TYR A 102 -3.53 -6.33 -4.38
CA TYR A 102 -3.38 -6.07 -5.82
C TYR A 102 -2.88 -4.64 -6.05
N ASN A 103 -2.10 -4.43 -7.11
CA ASN A 103 -1.41 -3.16 -7.34
C ASN A 103 -2.39 -2.13 -7.94
N PRO A 104 -2.37 -0.85 -7.51
CA PRO A 104 -3.35 0.13 -7.97
C PRO A 104 -3.03 0.58 -9.39
N CYS A 105 -4.02 0.52 -10.28
CA CYS A 105 -3.98 1.00 -11.67
C CYS A 105 -2.74 0.50 -12.44
N VAL A 106 -2.80 -0.75 -12.90
CA VAL A 106 -1.71 -1.53 -13.48
C VAL A 106 -2.08 -2.00 -14.90
N VAL A 107 -1.17 -2.64 -15.64
CA VAL A 107 -1.31 -3.01 -17.06
C VAL A 107 -2.68 -3.64 -17.42
N PRO A 108 -3.22 -4.65 -16.71
CA PRO A 108 -4.62 -5.06 -16.88
C PRO A 108 -5.59 -3.98 -16.40
N ASN A 109 -6.40 -3.49 -17.34
CA ASN A 109 -7.26 -2.31 -17.18
C ASN A 109 -8.55 -2.61 -16.40
N ILE A 110 -8.59 -2.08 -15.18
CA ILE A 110 -9.76 -2.03 -14.29
C ILE A 110 -10.56 -0.73 -14.54
N ASN A 111 -11.84 -0.68 -14.14
CA ASN A 111 -12.72 0.49 -14.25
C ASN A 111 -12.09 1.80 -13.75
N ASN A 112 -12.17 2.86 -14.55
CA ASN A 112 -11.53 4.14 -14.28
C ASN A 112 -12.05 4.83 -12.99
N ALA A 113 -13.31 4.62 -12.61
CA ALA A 113 -13.90 5.20 -11.41
C ALA A 113 -13.39 4.56 -10.11
N GLU A 114 -13.00 3.28 -10.15
CA GLU A 114 -12.36 2.58 -9.03
C GLU A 114 -10.89 3.03 -8.89
N CYS A 115 -10.21 3.24 -10.02
CA CYS A 115 -8.89 3.88 -10.04
C CYS A 115 -8.92 5.33 -9.56
N GLN A 116 -9.93 6.12 -9.91
CA GLN A 116 -10.05 7.52 -9.48
C GLN A 116 -10.39 7.63 -7.98
N PHE A 117 -11.11 6.65 -7.42
CA PHE A 117 -11.22 6.50 -5.96
C PHE A 117 -9.85 6.27 -5.32
N LEU A 118 -9.02 5.38 -5.89
CA LEU A 118 -7.67 5.08 -5.37
C LEU A 118 -6.76 6.32 -5.47
N LYS A 119 -6.76 7.03 -6.60
CA LYS A 119 -6.03 8.32 -6.75
C LYS A 119 -6.54 9.40 -5.77
N SER A 120 -7.80 9.32 -5.33
CA SER A 120 -8.40 10.21 -4.32
C SER A 120 -8.11 9.78 -2.87
N VAL A 121 -7.53 8.59 -2.64
CA VAL A 121 -7.19 8.04 -1.31
C VAL A 121 -5.67 7.93 -1.03
N LEU A 122 -4.85 7.68 -2.06
CA LEU A 122 -3.40 7.37 -1.94
C LEU A 122 -2.49 8.56 -1.62
N ALA A 14 32.18 37.59 20.86
CA ALA A 14 30.81 37.61 20.29
C ALA A 14 29.77 37.58 21.42
N THR A 15 28.50 37.32 21.10
CA THR A 15 27.45 36.88 22.05
C THR A 15 26.86 35.52 21.62
N HIS A 16 26.19 34.83 22.54
CA HIS A 16 25.60 33.49 22.34
C HIS A 16 24.07 33.50 22.39
N ALA A 17 23.42 32.55 21.70
CA ALA A 17 21.99 32.28 21.76
C ALA A 17 21.72 30.77 21.89
N ALA A 18 20.53 30.40 22.37
CA ALA A 18 20.16 29.01 22.69
C ALA A 18 19.78 28.15 21.46
N PHE A 19 20.37 28.45 20.31
CA PHE A 19 20.29 27.73 19.02
C PHE A 19 21.64 27.80 18.26
N GLU A 20 22.74 28.03 18.98
CA GLU A 20 24.03 28.46 18.42
C GLU A 20 23.90 29.77 17.60
N TYR A 21 24.56 29.92 16.45
CA TYR A 21 24.65 31.20 15.72
C TYR A 21 23.88 31.21 14.39
N SER A 22 23.51 30.05 13.85
CA SER A 22 22.93 29.93 12.50
C SER A 22 21.42 30.21 12.49
N LYS A 23 21.03 31.39 11.97
CA LYS A 23 19.65 31.89 11.84
C LYS A 23 18.87 31.76 13.16
N SER A 24 17.86 30.89 13.26
CA SER A 24 17.20 30.54 14.54
C SER A 24 17.29 29.04 14.90
N ILE A 25 18.12 28.28 14.18
CA ILE A 25 17.99 26.81 14.04
C ILE A 25 19.34 26.05 13.97
N GLY A 26 20.43 26.69 14.41
CA GLY A 26 21.80 26.18 14.23
C GLY A 26 22.24 25.03 15.15
N GLY A 27 21.47 24.69 16.19
CA GLY A 27 21.86 23.71 17.21
C GLY A 27 21.63 22.26 16.78
N THR A 28 20.54 21.97 16.06
CA THR A 28 20.19 20.62 15.58
C THR A 28 20.55 20.43 14.09
N PRO A 29 21.22 19.32 13.71
CA PRO A 29 21.54 19.03 12.31
C PRO A 29 20.31 18.44 11.59
N ALA A 30 20.17 18.73 10.30
CA ALA A 30 18.97 18.41 9.53
C ALA A 30 19.21 18.12 8.02
N LEU A 31 20.39 18.45 7.48
CA LEU A 31 20.68 18.35 6.05
C LEU A 31 21.11 16.94 5.63
N ASP A 32 20.75 16.56 4.40
CA ASP A 32 21.07 15.25 3.78
C ASP A 32 22.20 15.35 2.76
N ARG A 33 22.53 16.56 2.30
CA ARG A 33 23.32 16.93 1.10
C ARG A 33 22.73 16.43 -0.23
N ARG A 34 21.99 15.33 -0.20
CA ARG A 34 21.35 14.67 -1.35
C ARG A 34 20.01 15.32 -1.72
N VAL A 35 19.46 14.91 -2.87
CA VAL A 35 18.15 15.33 -3.41
C VAL A 35 17.01 15.23 -2.40
N GLN A 36 15.97 16.04 -2.58
CA GLN A 36 14.91 16.28 -1.59
C GLN A 36 13.50 16.09 -2.18
N ASP A 37 12.60 15.50 -1.40
CA ASP A 37 11.19 15.32 -1.75
C ASP A 37 10.26 16.40 -1.15
N VAL A 38 9.04 16.50 -1.67
CA VAL A 38 8.03 17.50 -1.27
C VAL A 38 6.89 16.88 -0.46
N ASN A 39 6.55 15.61 -0.71
CA ASN A 39 5.37 14.92 -0.17
C ASN A 39 5.61 13.44 0.20
N ASP A 40 6.85 12.93 0.20
CA ASP A 40 7.15 11.48 0.37
C ASP A 40 7.87 11.14 1.70
N THR A 41 8.57 12.11 2.32
CA THR A 41 9.01 12.01 3.72
C THR A 41 7.80 12.02 4.67
N ILE A 42 6.69 12.66 4.29
CA ILE A 42 5.44 12.71 5.07
C ILE A 42 4.50 11.60 4.58
N SER A 43 4.70 10.38 5.08
CA SER A 43 4.12 9.16 4.52
C SER A 43 3.88 8.03 5.52
N ASP A 44 4.24 8.16 6.80
CA ASP A 44 4.24 7.00 7.71
C ASP A 44 2.82 6.46 8.03
N VAL A 45 1.79 7.32 7.96
CA VAL A 45 0.37 6.92 7.98
C VAL A 45 0.01 5.94 6.84
N LYS A 46 0.67 6.04 5.67
CA LYS A 46 0.41 5.24 4.46
C LYS A 46 1.01 3.83 4.53
N GLN A 47 1.96 3.59 5.45
CA GLN A 47 2.53 2.25 5.70
C GLN A 47 1.62 1.39 6.59
N LYS A 48 0.73 2.04 7.34
CA LYS A 48 -0.07 1.47 8.43
C LYS A 48 -1.56 1.27 8.07
N TRP A 49 -1.84 0.98 6.80
CA TRP A 49 -3.18 0.90 6.19
C TRP A 49 -4.05 2.18 6.28
N ARG A 50 -5.04 2.26 5.39
CA ARG A 50 -6.25 3.10 5.51
C ARG A 50 -7.48 2.22 5.33
N CYS A 51 -8.59 2.59 5.97
CA CYS A 51 -9.92 2.02 5.75
C CYS A 51 -10.92 3.11 5.33
N VAL A 52 -11.71 2.85 4.28
CA VAL A 52 -12.64 3.81 3.67
C VAL A 52 -13.88 3.09 3.13
N VAL A 53 -14.97 3.81 2.94
CA VAL A 53 -16.18 3.32 2.27
C VAL A 53 -16.01 3.32 0.75
N TYR A 54 -16.37 2.21 0.11
CA TYR A 54 -16.49 2.02 -1.34
C TYR A 54 -17.98 1.95 -1.79
N PRO A 55 -18.35 2.39 -3.02
CA PRO A 55 -19.74 2.60 -3.44
C PRO A 55 -20.64 1.37 -3.25
N GLY A 56 -21.64 1.51 -2.37
CA GLY A 56 -22.45 0.39 -1.89
C GLY A 56 -22.38 0.17 -0.36
N ASN A 57 -21.85 1.14 0.40
CA ASN A 57 -21.72 1.08 1.87
C ASN A 57 -20.89 -0.13 2.36
N GLY A 58 -19.88 -0.48 1.57
CA GLY A 58 -18.91 -1.53 1.84
C GLY A 58 -17.57 -0.92 2.23
N PHE A 59 -17.10 -1.19 3.45
CA PHE A 59 -15.81 -0.70 3.93
C PHE A 59 -14.67 -1.55 3.34
N VAL A 60 -13.63 -0.91 2.81
CA VAL A 60 -12.47 -1.56 2.16
C VAL A 60 -11.15 -1.06 2.73
N SER A 61 -10.09 -1.89 2.69
CA SER A 61 -8.73 -1.51 3.14
C SER A 61 -7.68 -1.48 2.03
N ALA A 62 -6.70 -0.59 2.19
CA ALA A 62 -5.50 -0.50 1.35
C ALA A 62 -4.29 0.02 2.14
N SER A 63 -3.08 -0.15 1.60
CA SER A 63 -1.84 0.44 2.10
C SER A 63 -0.91 0.77 0.92
N ILE A 64 0.32 1.18 1.19
CA ILE A 64 1.28 1.57 0.16
C ILE A 64 1.75 0.43 -0.79
N PHE A 65 1.44 -0.83 -0.49
CA PHE A 65 1.73 -2.00 -1.34
C PHE A 65 0.56 -2.40 -2.27
N GLY A 66 -0.65 -1.86 -2.07
CA GLY A 66 -1.85 -2.19 -2.84
C GLY A 66 -3.14 -2.22 -2.00
N PHE A 67 -4.26 -2.52 -2.65
CA PHE A 67 -5.57 -2.74 -2.01
C PHE A 67 -5.81 -4.23 -1.73
N GLN A 68 -6.60 -4.55 -0.70
CA GLN A 68 -7.02 -5.93 -0.42
C GLN A 68 -8.15 -6.34 -1.38
N ALA A 69 -8.00 -7.47 -2.07
CA ALA A 69 -8.91 -7.94 -3.11
C ALA A 69 -9.70 -9.22 -2.72
N GLU A 70 -10.78 -9.49 -3.45
CA GLU A 70 -11.54 -10.75 -3.42
C GLU A 70 -12.01 -11.13 -4.84
N VAL A 71 -11.99 -12.44 -5.14
CA VAL A 71 -12.19 -13.00 -6.46
C VAL A 71 -13.62 -13.50 -6.69
N GLY A 72 -14.16 -13.20 -7.88
CA GLY A 72 -15.39 -13.75 -8.42
C GLY A 72 -15.17 -15.01 -9.27
N PRO A 73 -16.01 -16.05 -9.13
CA PRO A 73 -15.85 -17.36 -9.80
C PRO A 73 -15.84 -17.33 -11.34
N ASN A 74 -16.28 -16.25 -12.00
CA ASN A 74 -16.15 -16.00 -13.44
C ASN A 74 -14.72 -15.58 -13.85
N ASN A 75 -13.70 -15.85 -13.02
CA ASN A 75 -12.31 -15.39 -13.16
C ASN A 75 -12.20 -13.84 -13.19
N THR A 76 -13.01 -13.17 -12.36
CA THR A 76 -12.99 -11.71 -12.15
C THR A 76 -12.50 -11.36 -10.74
N ARG A 77 -12.13 -10.11 -10.48
CA ARG A 77 -11.56 -9.66 -9.20
C ARG A 77 -11.98 -8.24 -8.84
N SER A 78 -12.28 -7.99 -7.57
CA SER A 78 -12.72 -6.68 -7.05
C SER A 78 -12.18 -6.39 -5.63
N ILE A 79 -12.37 -5.16 -5.13
CA ILE A 79 -11.86 -4.76 -3.80
C ILE A 79 -12.70 -5.42 -2.70
N ARG A 80 -12.07 -5.89 -1.61
CA ARG A 80 -12.67 -6.72 -0.55
C ARG A 80 -13.50 -5.90 0.45
N LYS A 81 -14.79 -6.22 0.61
CA LYS A 81 -15.78 -5.45 1.41
C LYS A 81 -16.05 -6.01 2.81
N PHE A 82 -16.28 -5.12 3.77
CA PHE A 82 -16.65 -5.37 5.17
C PHE A 82 -17.84 -4.52 5.64
N ASN A 83 -18.54 -4.92 6.71
CA ASN A 83 -19.78 -4.30 7.19
C ASN A 83 -19.58 -2.92 7.87
N THR A 84 -18.39 -2.67 8.42
CA THR A 84 -18.05 -1.56 9.32
C THR A 84 -16.60 -1.15 9.17
N MET A 85 -16.28 0.09 9.58
CA MET A 85 -14.91 0.55 9.81
C MET A 85 -14.20 -0.35 10.82
N GLN A 86 -14.94 -0.89 11.81
CA GLN A 86 -14.39 -1.81 12.82
C GLN A 86 -13.97 -3.14 12.21
N GLN A 87 -14.79 -3.78 11.36
CA GLN A 87 -14.42 -5.00 10.66
C GLN A 87 -13.25 -4.76 9.70
N CYS A 88 -13.23 -3.61 9.01
CA CYS A 88 -12.13 -3.27 8.10
C CYS A 88 -10.80 -3.14 8.87
N ILE A 89 -10.81 -2.44 10.00
CA ILE A 89 -9.64 -2.26 10.88
C ILE A 89 -9.21 -3.61 11.48
N ASP A 90 -10.16 -4.44 11.89
CA ASP A 90 -9.93 -5.74 12.51
C ASP A 90 -9.29 -6.75 11.53
N PHE A 91 -9.88 -6.87 10.34
CA PHE A 91 -9.42 -7.79 9.30
C PHE A 91 -8.16 -7.31 8.56
N THR A 92 -7.86 -6.01 8.57
CA THR A 92 -6.56 -5.49 8.08
C THR A 92 -5.45 -5.57 9.14
N PHE A 93 -5.78 -5.67 10.45
CA PHE A 93 -4.80 -5.93 11.53
C PHE A 93 -4.36 -7.40 11.63
N SER A 94 -5.20 -8.30 11.14
CA SER A 94 -4.91 -9.73 10.94
C SER A 94 -5.06 -10.13 9.46
N ASP A 95 -4.44 -9.37 8.55
CA ASP A 95 -4.68 -9.54 7.11
C ASP A 95 -4.22 -10.89 6.54
N VAL A 96 -3.38 -11.62 7.29
CA VAL A 96 -2.99 -13.01 7.13
C VAL A 96 -4.15 -14.01 7.07
N ILE A 97 -5.35 -13.63 7.54
CA ILE A 97 -6.61 -14.38 7.39
C ILE A 97 -7.15 -14.29 5.94
N ASN A 98 -6.82 -13.22 5.22
CA ASN A 98 -7.35 -12.84 3.92
C ASN A 98 -6.29 -12.08 3.08
N ILE A 99 -5.12 -12.72 2.89
CA ILE A 99 -3.97 -12.16 2.15
C ILE A 99 -4.17 -12.32 0.64
N ASN A 100 -4.74 -11.30 0.01
CA ASN A 100 -4.81 -11.14 -1.44
C ASN A 100 -4.70 -9.64 -1.75
N ILE A 101 -3.57 -9.19 -2.31
CA ILE A 101 -3.34 -7.77 -2.63
C ILE A 101 -3.03 -7.53 -4.12
N TYR A 102 -3.46 -6.39 -4.63
CA TYR A 102 -3.16 -5.92 -6.00
C TYR A 102 -2.79 -4.43 -6.01
N ASN A 103 -1.88 -4.04 -6.90
CA ASN A 103 -1.58 -2.64 -7.25
C ASN A 103 -2.13 -2.28 -8.65
N PRO A 104 -2.75 -1.09 -8.82
CA PRO A 104 -3.34 -0.65 -10.08
C PRO A 104 -2.34 0.10 -10.98
N CYS A 105 -2.69 0.34 -12.25
CA CYS A 105 -1.84 0.91 -13.30
C CYS A 105 -0.49 0.19 -13.53
N VAL A 106 -0.41 -1.14 -13.31
CA VAL A 106 0.82 -1.95 -13.39
C VAL A 106 0.53 -3.22 -14.23
N VAL A 107 1.51 -4.11 -14.42
CA VAL A 107 1.43 -5.33 -15.24
C VAL A 107 0.17 -6.18 -14.98
N PRO A 108 -0.29 -6.44 -13.72
CA PRO A 108 -1.56 -7.12 -13.49
C PRO A 108 -2.73 -6.21 -13.86
N ASN A 109 -3.57 -6.61 -14.82
CA ASN A 109 -4.59 -5.78 -15.46
C ASN A 109 -5.75 -5.45 -14.48
N ILE A 110 -5.69 -4.27 -13.86
CA ILE A 110 -6.75 -3.64 -13.05
C ILE A 110 -7.34 -2.44 -13.81
N ASN A 111 -8.63 -2.14 -13.67
CA ASN A 111 -9.24 -1.00 -14.36
C ASN A 111 -8.72 0.35 -13.83
N ASN A 112 -8.43 1.28 -14.73
CA ASN A 112 -7.95 2.65 -14.45
C ASN A 112 -8.86 3.46 -13.49
N ALA A 113 -10.15 3.15 -13.38
CA ALA A 113 -11.01 3.77 -12.38
C ALA A 113 -10.67 3.36 -10.93
N GLU A 114 -10.20 2.12 -10.70
CA GLU A 114 -9.68 1.70 -9.39
C GLU A 114 -8.28 2.24 -9.12
N CYS A 115 -7.49 2.51 -10.17
CA CYS A 115 -6.23 3.27 -10.05
C CYS A 115 -6.49 4.68 -9.48
N GLN A 116 -7.47 5.39 -10.02
CA GLN A 116 -7.82 6.73 -9.54
C GLN A 116 -8.58 6.70 -8.19
N PHE A 117 -9.29 5.61 -7.87
CA PHE A 117 -9.77 5.39 -6.50
C PHE A 117 -8.59 5.31 -5.53
N LEU A 118 -7.60 4.46 -5.80
CA LEU A 118 -6.48 4.23 -4.88
C LEU A 118 -5.65 5.51 -4.70
N LYS A 119 -5.40 6.22 -5.80
CA LYS A 119 -4.74 7.54 -5.77
C LYS A 119 -5.48 8.57 -4.92
N SER A 120 -6.82 8.55 -4.92
CA SER A 120 -7.64 9.45 -4.09
C SER A 120 -7.69 9.03 -2.61
N VAL A 121 -7.52 7.74 -2.32
CA VAL A 121 -7.54 7.19 -0.95
C VAL A 121 -6.20 7.38 -0.24
N LEU A 122 -5.07 7.07 -0.89
CA LEU A 122 -3.76 7.04 -0.23
C LEU A 122 -3.24 8.42 0.17
N ALA A 14 19.96 34.32 24.26
CA ALA A 14 20.28 34.35 25.70
C ALA A 14 21.38 33.35 26.04
N THR A 15 22.23 33.65 27.03
CA THR A 15 23.40 32.81 27.40
C THR A 15 23.05 31.57 28.23
N HIS A 16 23.88 30.53 28.10
CA HIS A 16 23.77 29.25 28.83
C HIS A 16 24.33 29.32 30.27
N ALA A 17 23.79 30.25 31.06
CA ALA A 17 24.16 30.52 32.46
C ALA A 17 22.93 30.52 33.38
N ALA A 18 23.11 30.70 34.70
CA ALA A 18 22.06 30.59 35.72
C ALA A 18 21.12 31.83 35.76
N PHE A 19 20.25 31.94 34.75
CA PHE A 19 19.22 32.97 34.54
C PHE A 19 17.96 32.36 33.90
N GLU A 20 17.67 31.09 34.22
CA GLU A 20 16.86 30.19 33.39
C GLU A 20 17.34 30.19 31.92
N TYR A 21 16.48 29.92 30.95
CA TYR A 21 16.80 30.02 29.52
C TYR A 21 15.61 30.60 28.74
N SER A 22 15.89 31.39 27.70
CA SER A 22 14.89 32.10 26.90
C SER A 22 15.04 31.81 25.41
N LYS A 23 13.96 31.41 24.75
CA LYS A 23 13.95 31.09 23.32
C LYS A 23 14.20 32.32 22.44
N SER A 24 14.77 32.10 21.26
CA SER A 24 15.31 33.15 20.39
C SER A 24 14.29 34.24 19.99
N ILE A 25 14.70 35.50 20.11
CA ILE A 25 13.95 36.68 19.64
C ILE A 25 14.01 36.80 18.11
N GLY A 26 13.05 37.50 17.50
CA GLY A 26 13.01 37.76 16.07
C GLY A 26 12.59 36.57 15.20
N GLY A 27 12.76 36.71 13.89
CA GLY A 27 12.28 35.74 12.89
C GLY A 27 10.76 35.79 12.70
N THR A 28 10.13 34.62 12.71
CA THR A 28 8.67 34.36 12.68
C THR A 28 7.86 35.21 11.69
N PRO A 29 8.17 35.23 10.39
CA PRO A 29 7.50 36.10 9.41
C PRO A 29 6.07 35.65 9.03
N ALA A 30 5.70 34.41 9.36
CA ALA A 30 4.42 33.78 9.04
C ALA A 30 4.04 32.76 10.13
N LEU A 31 3.20 31.77 9.81
CA LEU A 31 3.02 30.59 10.65
C LEU A 31 4.32 29.76 10.72
N ASP A 32 4.52 29.02 11.81
CA ASP A 32 5.80 28.36 12.13
C ASP A 32 6.10 27.17 11.20
N ARG A 33 7.29 27.15 10.59
CA ARG A 33 7.79 26.06 9.73
C ARG A 33 8.61 25.03 10.51
N ARG A 34 9.18 25.44 11.65
CA ARG A 34 9.76 24.58 12.69
C ARG A 34 8.70 23.90 13.56
N VAL A 35 9.03 22.72 14.08
CA VAL A 35 8.16 21.87 14.90
C VAL A 35 8.98 21.00 15.86
N GLN A 36 8.44 20.75 17.06
CA GLN A 36 8.93 19.76 18.01
C GLN A 36 7.84 18.70 18.22
N ASP A 37 8.02 17.55 17.59
CA ASP A 37 7.11 16.40 17.65
C ASP A 37 7.88 15.09 17.39
N VAL A 38 7.30 13.95 17.75
CA VAL A 38 7.88 12.62 17.60
C VAL A 38 7.93 12.11 16.16
N ASN A 39 7.04 12.58 15.26
CA ASN A 39 6.94 12.09 13.88
C ASN A 39 7.79 12.92 12.88
N ASP A 40 9.00 13.29 13.27
CA ASP A 40 9.93 14.14 12.49
C ASP A 40 10.67 13.39 11.35
N THR A 41 10.76 12.06 11.36
CA THR A 41 11.38 11.27 10.26
C THR A 41 10.58 10.05 9.80
N ILE A 42 9.58 9.59 10.58
CA ILE A 42 8.80 8.39 10.27
C ILE A 42 8.11 8.46 8.90
N SER A 43 8.20 7.36 8.15
CA SER A 43 7.47 7.09 6.91
C SER A 43 6.78 5.71 6.93
N ASP A 44 7.02 4.92 7.99
CA ASP A 44 6.41 3.60 8.20
C ASP A 44 4.88 3.63 8.34
N VAL A 45 4.30 4.79 8.67
CA VAL A 45 2.83 5.00 8.76
C VAL A 45 2.09 4.68 7.45
N LYS A 46 2.79 4.69 6.30
CA LYS A 46 2.24 4.29 5.00
C LYS A 46 2.16 2.77 4.81
N GLN A 47 2.92 2.00 5.60
CA GLN A 47 2.82 0.53 5.71
C GLN A 47 1.83 0.06 6.78
N LYS A 48 1.41 0.95 7.68
CA LYS A 48 0.47 0.71 8.79
C LYS A 48 -1.03 0.76 8.40
N TRP A 49 -1.33 0.53 7.13
CA TRP A 49 -2.67 0.45 6.55
C TRP A 49 -3.54 1.71 6.67
N ARG A 50 -4.66 1.74 5.93
CA ARG A 50 -5.77 2.71 6.02
C ARG A 50 -7.07 2.05 5.53
N CYS A 51 -8.23 2.58 5.91
CA CYS A 51 -9.53 2.16 5.39
C CYS A 51 -10.33 3.38 4.85
N VAL A 52 -11.14 3.15 3.81
CA VAL A 52 -11.96 4.14 3.10
C VAL A 52 -13.32 3.54 2.77
N VAL A 53 -14.27 4.39 2.40
CA VAL A 53 -15.68 4.03 2.17
C VAL A 53 -16.02 4.04 0.67
N TYR A 54 -16.51 2.90 0.17
CA TYR A 54 -17.10 2.75 -1.17
C TYR A 54 -18.60 3.10 -1.18
N PRO A 55 -19.14 3.71 -2.26
CA PRO A 55 -20.55 4.09 -2.33
C PRO A 55 -21.50 2.91 -2.06
N GLY A 56 -22.50 3.13 -1.22
CA GLY A 56 -23.25 2.06 -0.54
C GLY A 56 -22.78 1.80 0.90
N ASN A 57 -21.84 2.61 1.41
CA ASN A 57 -21.17 2.47 2.70
C ASN A 57 -20.51 1.10 2.94
N GLY A 58 -19.89 0.59 1.88
CA GLY A 58 -19.03 -0.59 1.90
C GLY A 58 -17.60 -0.21 2.28
N PHE A 59 -17.13 -0.62 3.45
CA PHE A 59 -15.80 -0.24 3.96
C PHE A 59 -14.70 -1.14 3.37
N VAL A 60 -13.65 -0.54 2.78
CA VAL A 60 -12.54 -1.25 2.11
C VAL A 60 -11.17 -0.85 2.69
N SER A 61 -10.24 -1.81 2.80
CA SER A 61 -8.91 -1.66 3.41
C SER A 61 -7.74 -1.67 2.41
N ALA A 62 -6.68 -0.91 2.69
CA ALA A 62 -5.50 -0.74 1.84
C ALA A 62 -4.22 -0.41 2.64
N SER A 63 -3.07 -0.46 1.97
CA SER A 63 -1.76 0.00 2.45
C SER A 63 -0.91 0.38 1.24
N ILE A 64 0.35 0.76 1.46
CA ILE A 64 1.31 0.92 0.36
C ILE A 64 1.66 -0.41 -0.35
N PHE A 65 1.22 -1.54 0.20
CA PHE A 65 1.21 -2.88 -0.42
C PHE A 65 0.08 -3.10 -1.45
N GLY A 66 -0.89 -2.18 -1.53
CA GLY A 66 -2.09 -2.28 -2.36
C GLY A 66 -3.40 -2.28 -1.57
N PHE A 67 -4.52 -2.50 -2.26
CA PHE A 67 -5.84 -2.74 -1.68
C PHE A 67 -5.99 -4.22 -1.31
N GLN A 68 -6.61 -4.56 -0.17
CA GLN A 68 -6.93 -5.95 0.16
C GLN A 68 -8.04 -6.45 -0.78
N ALA A 69 -7.76 -7.53 -1.52
CA ALA A 69 -8.52 -7.89 -2.71
C ALA A 69 -8.47 -9.38 -3.02
N GLU A 70 -9.57 -9.89 -3.58
CA GLU A 70 -9.79 -11.31 -3.87
C GLU A 70 -10.19 -11.51 -5.33
N VAL A 71 -10.07 -12.76 -5.79
CA VAL A 71 -10.72 -13.18 -7.04
C VAL A 71 -12.21 -13.38 -6.77
N GLY A 72 -13.01 -13.08 -7.77
CA GLY A 72 -14.47 -12.98 -7.72
C GLY A 72 -15.18 -14.15 -8.42
N PRO A 73 -16.50 -14.31 -8.21
CA PRO A 73 -17.30 -15.33 -8.87
C PRO A 73 -17.15 -15.32 -10.40
N ASN A 74 -17.22 -16.51 -11.02
CA ASN A 74 -16.95 -16.70 -12.45
C ASN A 74 -15.55 -16.20 -12.90
N ASN A 75 -14.56 -16.18 -11.98
CA ASN A 75 -13.21 -15.64 -12.19
C ASN A 75 -13.17 -14.15 -12.58
N THR A 76 -14.06 -13.36 -11.98
CA THR A 76 -13.95 -11.88 -11.91
C THR A 76 -12.92 -11.46 -10.85
N ARG A 77 -12.83 -10.17 -10.50
CA ARG A 77 -11.96 -9.67 -9.40
C ARG A 77 -12.64 -8.61 -8.55
N SER A 78 -12.25 -8.45 -7.28
CA SER A 78 -12.81 -7.40 -6.42
C SER A 78 -11.92 -6.96 -5.24
N ILE A 79 -12.00 -5.67 -4.89
CA ILE A 79 -11.50 -5.14 -3.61
C ILE A 79 -12.48 -5.56 -2.50
N ARG A 80 -11.97 -6.09 -1.38
CA ARG A 80 -12.82 -6.69 -0.34
C ARG A 80 -13.52 -5.60 0.47
N LYS A 81 -14.86 -5.59 0.46
CA LYS A 81 -15.70 -4.64 1.21
C LYS A 81 -16.42 -5.30 2.39
N PHE A 82 -16.72 -4.51 3.42
CA PHE A 82 -17.37 -4.94 4.66
C PHE A 82 -18.49 -4.00 5.11
N ASN A 83 -19.33 -4.48 6.03
CA ASN A 83 -20.51 -3.77 6.53
C ASN A 83 -20.19 -2.66 7.55
N THR A 84 -19.02 -2.73 8.22
CA THR A 84 -18.55 -1.79 9.25
C THR A 84 -17.08 -1.42 9.03
N MET A 85 -16.67 -0.25 9.54
CA MET A 85 -15.25 0.09 9.59
C MET A 85 -14.48 -0.85 10.54
N GLN A 86 -15.14 -1.38 11.56
CA GLN A 86 -14.51 -2.34 12.49
C GLN A 86 -14.22 -3.69 11.82
N GLN A 87 -14.93 -4.08 10.75
CA GLN A 87 -14.58 -5.27 9.96
C GLN A 87 -13.46 -5.00 8.95
N CYS A 88 -13.36 -3.81 8.31
CA CYS A 88 -12.18 -3.50 7.48
C CYS A 88 -10.90 -3.39 8.33
N ILE A 89 -10.99 -2.84 9.55
CA ILE A 89 -9.90 -2.82 10.54
C ILE A 89 -9.52 -4.26 10.95
N ASP A 90 -10.50 -5.12 11.22
CA ASP A 90 -10.27 -6.52 11.59
C ASP A 90 -9.51 -7.28 10.50
N PHE A 91 -9.92 -7.07 9.24
CA PHE A 91 -9.32 -7.69 8.06
C PHE A 91 -7.91 -7.16 7.76
N THR A 92 -7.69 -5.85 7.92
CA THR A 92 -6.37 -5.22 7.70
C THR A 92 -5.35 -5.62 8.77
N PHE A 93 -5.79 -5.95 9.99
CA PHE A 93 -4.94 -6.47 11.07
C PHE A 93 -4.86 -8.00 11.14
N SER A 94 -5.62 -8.74 10.32
CA SER A 94 -5.62 -10.21 10.24
C SER A 94 -4.76 -10.82 9.11
N ASP A 95 -3.66 -10.15 8.75
CA ASP A 95 -2.81 -10.56 7.60
C ASP A 95 -2.13 -11.92 7.76
N VAL A 96 -1.92 -12.35 9.00
CA VAL A 96 -1.32 -13.65 9.37
C VAL A 96 -2.25 -14.84 9.02
N ILE A 97 -3.55 -14.62 8.80
CA ILE A 97 -4.48 -15.63 8.26
C ILE A 97 -4.31 -15.87 6.74
N ASN A 98 -3.49 -15.01 6.13
CA ASN A 98 -3.20 -14.85 4.70
C ASN A 98 -4.36 -14.25 3.89
N ILE A 99 -4.17 -13.00 3.49
CA ILE A 99 -5.10 -12.15 2.71
C ILE A 99 -4.32 -11.51 1.56
N ASN A 100 -4.80 -11.68 0.33
CA ASN A 100 -4.20 -11.13 -0.88
C ASN A 100 -4.44 -9.62 -1.05
N ILE A 101 -3.53 -8.96 -1.77
CA ILE A 101 -3.57 -7.54 -2.12
C ILE A 101 -3.29 -7.33 -3.61
N TYR A 102 -3.87 -6.26 -4.18
CA TYR A 102 -3.54 -5.74 -5.52
C TYR A 102 -2.98 -4.32 -5.43
N ASN A 103 -1.82 -4.08 -6.04
CA ASN A 103 -1.17 -2.76 -6.14
C ASN A 103 -1.97 -1.84 -7.08
N PRO A 104 -1.88 -0.49 -6.97
CA PRO A 104 -2.65 0.40 -7.84
C PRO A 104 -2.10 0.45 -9.28
N CYS A 105 -2.99 0.29 -10.26
CA CYS A 105 -2.74 0.47 -11.70
C CYS A 105 -1.63 -0.44 -12.26
N VAL A 106 -1.99 -1.71 -12.41
CA VAL A 106 -1.14 -2.89 -12.71
C VAL A 106 -1.85 -3.88 -13.66
N VAL A 107 -1.34 -5.11 -13.80
CA VAL A 107 -1.93 -6.16 -14.65
C VAL A 107 -3.42 -6.45 -14.34
N PRO A 108 -3.85 -6.82 -13.11
CA PRO A 108 -5.28 -6.87 -12.76
C PRO A 108 -5.92 -5.47 -12.75
N ASN A 109 -7.20 -5.38 -13.14
CA ASN A 109 -7.91 -4.13 -13.40
C ASN A 109 -8.40 -3.43 -12.12
N ILE A 110 -7.70 -2.37 -11.70
CA ILE A 110 -8.12 -1.39 -10.68
C ILE A 110 -8.54 -0.08 -11.38
N ASN A 111 -9.58 0.59 -10.89
CA ASN A 111 -10.01 1.92 -11.38
C ASN A 111 -8.88 2.97 -11.23
N ASN A 112 -8.57 3.73 -12.28
CA ASN A 112 -7.50 4.73 -12.25
C ASN A 112 -7.78 5.88 -11.24
N ALA A 113 -9.06 6.21 -11.00
CA ALA A 113 -9.44 7.14 -9.95
C ALA A 113 -9.30 6.56 -8.52
N GLU A 114 -9.27 5.22 -8.35
CA GLU A 114 -8.85 4.57 -7.10
C GLU A 114 -7.32 4.59 -6.95
N CYS A 115 -6.55 4.44 -8.03
CA CYS A 115 -5.09 4.60 -7.99
C CYS A 115 -4.70 6.01 -7.50
N GLN A 116 -5.32 7.05 -8.07
CA GLN A 116 -5.09 8.44 -7.66
C GLN A 116 -5.64 8.74 -6.26
N PHE A 117 -6.74 8.08 -5.85
CA PHE A 117 -7.24 8.16 -4.48
C PHE A 117 -6.21 7.58 -3.48
N LEU A 118 -5.61 6.43 -3.79
CA LEU A 118 -4.64 5.78 -2.90
C LEU A 118 -3.33 6.60 -2.80
N LYS A 119 -2.89 7.22 -3.90
CA LYS A 119 -1.79 8.21 -3.89
C LYS A 119 -2.09 9.42 -3.01
N SER A 120 -3.33 9.91 -3.05
CA SER A 120 -3.82 11.07 -2.27
C SER A 120 -4.09 10.76 -0.79
N VAL A 121 -4.29 9.49 -0.44
CA VAL A 121 -4.59 9.00 0.92
C VAL A 121 -3.34 8.50 1.65
N LEU A 122 -2.33 7.95 0.95
CA LEU A 122 -1.04 7.47 1.48
C LEU A 122 0.17 8.01 0.70
N ALA A 14 50.41 -19.54 -9.88
CA ALA A 14 51.32 -20.13 -10.90
C ALA A 14 51.92 -19.04 -11.77
N THR A 15 53.23 -19.08 -12.03
CA THR A 15 53.94 -18.07 -12.84
C THR A 15 53.46 -18.01 -14.29
N HIS A 16 53.17 -16.80 -14.79
CA HIS A 16 52.65 -16.52 -16.14
C HIS A 16 52.84 -15.04 -16.53
N ALA A 17 53.08 -14.77 -17.82
CA ALA A 17 53.67 -13.50 -18.28
C ALA A 17 52.69 -12.36 -18.63
N ALA A 18 51.36 -12.60 -18.56
CA ALA A 18 50.33 -11.57 -18.73
C ALA A 18 49.34 -11.58 -17.56
N PHE A 19 49.25 -10.46 -16.84
CA PHE A 19 48.58 -10.33 -15.53
C PHE A 19 47.98 -8.93 -15.32
N GLU A 20 47.90 -8.14 -16.41
CA GLU A 20 47.74 -6.69 -16.38
C GLU A 20 46.31 -6.23 -16.04
N TYR A 21 46.12 -4.96 -15.66
CA TYR A 21 44.79 -4.35 -15.48
C TYR A 21 44.04 -4.25 -16.81
N SER A 22 44.65 -3.64 -17.82
CA SER A 22 44.13 -3.47 -19.20
C SER A 22 42.67 -2.96 -19.25
N LYS A 23 41.69 -3.84 -19.46
CA LYS A 23 40.25 -3.54 -19.60
C LYS A 23 39.44 -3.73 -18.31
N SER A 24 40.09 -4.05 -17.18
CA SER A 24 39.43 -4.41 -15.91
C SER A 24 38.52 -3.29 -15.38
N ILE A 25 37.46 -3.67 -14.67
CA ILE A 25 36.54 -2.75 -13.97
C ILE A 25 36.92 -2.55 -12.49
N GLY A 26 37.96 -3.20 -11.97
CA GLY A 26 38.50 -2.94 -10.62
C GLY A 26 39.16 -4.14 -9.92
N GLY A 27 39.82 -3.86 -8.81
CA GLY A 27 40.53 -4.82 -7.96
C GLY A 27 40.87 -4.27 -6.57
N THR A 28 41.93 -4.80 -5.96
CA THR A 28 42.40 -4.45 -4.60
C THR A 28 41.26 -4.50 -3.57
N PRO A 29 40.68 -5.69 -3.31
CA PRO A 29 39.43 -5.85 -2.56
C PRO A 29 39.55 -5.45 -1.08
N ALA A 30 38.46 -4.90 -0.54
CA ALA A 30 38.34 -4.46 0.85
C ALA A 30 36.86 -4.46 1.33
N LEU A 31 36.65 -4.17 2.61
CA LEU A 31 35.34 -3.84 3.19
C LEU A 31 34.78 -2.50 2.68
N ASP A 32 33.54 -2.16 3.03
CA ASP A 32 32.89 -0.89 2.69
C ASP A 32 32.19 -0.28 3.93
N ARG A 33 32.55 0.96 4.30
CA ARG A 33 31.86 1.70 5.37
C ARG A 33 30.39 1.92 5.04
N ARG A 34 30.09 2.24 3.78
CA ARG A 34 28.79 2.66 3.22
C ARG A 34 28.11 3.83 3.97
N VAL A 35 27.01 4.34 3.40
CA VAL A 35 26.05 5.16 4.15
C VAL A 35 25.20 4.26 5.04
N GLN A 36 25.07 4.63 6.32
CA GLN A 36 24.32 3.94 7.38
C GLN A 36 23.13 4.79 7.86
N ASP A 37 22.54 5.54 6.94
CA ASP A 37 21.42 6.49 7.09
C ASP A 37 20.44 6.28 5.92
N VAL A 38 19.13 6.19 6.22
CA VAL A 38 18.15 5.56 5.31
C VAL A 38 17.47 6.54 4.34
N ASN A 39 16.93 7.65 4.86
CA ASN A 39 16.07 8.59 4.14
C ASN A 39 16.42 10.08 4.41
N ASP A 40 15.47 10.89 4.92
CA ASP A 40 15.50 12.34 5.21
C ASP A 40 15.86 13.30 4.06
N THR A 41 16.90 13.03 3.28
CA THR A 41 17.27 13.70 2.01
C THR A 41 17.19 12.74 0.80
N ILE A 42 16.78 11.49 1.02
CA ILE A 42 16.56 10.45 0.01
C ILE A 42 15.18 9.84 0.23
N SER A 43 14.35 9.77 -0.82
CA SER A 43 13.05 9.09 -0.84
C SER A 43 12.54 8.97 -2.27
N ASP A 44 12.88 9.91 -3.17
CA ASP A 44 12.39 9.96 -4.56
C ASP A 44 12.82 8.78 -5.44
N VAL A 45 13.80 7.97 -5.01
CA VAL A 45 14.11 6.66 -5.60
C VAL A 45 12.94 5.66 -5.48
N LYS A 46 12.08 5.77 -4.45
CA LYS A 46 10.86 4.94 -4.30
C LYS A 46 9.78 5.25 -5.35
N GLN A 47 9.86 6.41 -6.01
CA GLN A 47 9.04 6.77 -7.18
C GLN A 47 9.75 6.45 -8.52
N LYS A 48 11.00 5.97 -8.48
CA LYS A 48 11.82 5.59 -9.64
C LYS A 48 12.38 4.15 -9.54
N TRP A 49 11.49 3.22 -9.14
CA TRP A 49 11.60 1.76 -9.26
C TRP A 49 12.72 1.03 -8.48
N ARG A 50 12.43 -0.21 -8.08
CA ARG A 50 13.38 -1.25 -7.65
C ARG A 50 13.25 -2.47 -8.59
N CYS A 51 14.33 -3.26 -8.69
CA CYS A 51 14.25 -4.67 -9.07
C CYS A 51 14.98 -5.53 -8.03
N VAL A 52 14.43 -6.72 -7.74
CA VAL A 52 14.99 -7.74 -6.84
C VAL A 52 14.72 -9.14 -7.39
N VAL A 53 15.47 -10.13 -6.91
CA VAL A 53 15.23 -11.54 -7.19
C VAL A 53 14.16 -12.09 -6.25
N TYR A 54 13.12 -12.67 -6.85
CA TYR A 54 12.07 -13.44 -6.19
C TYR A 54 12.44 -14.92 -6.10
N PRO A 55 11.94 -15.67 -5.09
CA PRO A 55 12.12 -17.11 -5.03
C PRO A 55 11.73 -17.79 -6.35
N GLY A 56 12.49 -18.81 -6.76
CA GLY A 56 12.50 -19.32 -8.14
C GLY A 56 13.58 -18.68 -9.02
N ASN A 57 14.47 -17.84 -8.46
CA ASN A 57 15.55 -17.12 -9.17
C ASN A 57 15.04 -16.34 -10.41
N GLY A 58 13.86 -15.76 -10.24
CA GLY A 58 13.17 -14.90 -11.20
C GLY A 58 13.23 -13.45 -10.73
N PHE A 59 13.74 -12.57 -11.57
CA PHE A 59 13.84 -11.14 -11.30
C PHE A 59 12.45 -10.48 -11.44
N VAL A 60 12.11 -9.55 -10.54
CA VAL A 60 10.82 -8.81 -10.52
C VAL A 60 11.02 -7.32 -10.23
N SER A 61 10.19 -6.47 -10.83
CA SER A 61 10.28 -4.99 -10.72
C SER A 61 9.02 -4.36 -10.10
N ALA A 62 9.23 -3.32 -9.28
CA ALA A 62 8.17 -2.64 -8.51
C ALA A 62 8.50 -1.18 -8.20
N SER A 63 7.49 -0.41 -7.77
CA SER A 63 7.56 0.99 -7.34
C SER A 63 6.50 1.27 -6.29
N ILE A 64 6.40 2.53 -5.86
CA ILE A 64 5.34 3.00 -4.94
C ILE A 64 3.91 2.76 -5.47
N PHE A 65 3.76 2.59 -6.80
CA PHE A 65 2.50 2.31 -7.49
C PHE A 65 2.17 0.80 -7.65
N GLY A 66 3.03 -0.11 -7.15
CA GLY A 66 2.82 -1.56 -7.16
C GLY A 66 3.89 -2.33 -7.94
N PHE A 67 3.55 -3.53 -8.39
CA PHE A 67 4.42 -4.43 -9.17
C PHE A 67 4.11 -4.31 -10.67
N GLN A 68 5.09 -4.43 -11.56
CA GLN A 68 4.80 -4.76 -12.97
C GLN A 68 4.14 -6.15 -13.03
N ALA A 69 3.02 -6.28 -13.75
CA ALA A 69 2.14 -7.46 -13.64
C ALA A 69 1.72 -8.04 -15.01
N GLU A 70 1.49 -9.35 -15.04
CA GLU A 70 1.22 -10.18 -16.22
C GLU A 70 0.26 -11.32 -15.89
N VAL A 71 -0.41 -11.91 -16.88
CA VAL A 71 -1.41 -12.95 -16.70
C VAL A 71 -0.83 -14.36 -16.90
N GLY A 72 -1.16 -15.27 -15.99
CA GLY A 72 -0.75 -16.67 -15.97
C GLY A 72 -1.79 -17.66 -16.52
N PRO A 73 -1.48 -18.97 -16.45
CA PRO A 73 -2.38 -20.04 -16.88
C PRO A 73 -3.77 -19.94 -16.25
N ASN A 74 -4.79 -20.35 -17.01
CA ASN A 74 -6.20 -20.17 -16.69
C ASN A 74 -6.63 -18.69 -16.47
N ASN A 75 -5.95 -17.71 -17.10
CA ASN A 75 -6.28 -16.28 -17.03
C ASN A 75 -6.27 -15.74 -15.59
N THR A 76 -5.21 -16.10 -14.86
CA THR A 76 -4.94 -15.68 -13.47
C THR A 76 -3.97 -14.50 -13.42
N ARG A 77 -3.96 -13.69 -12.36
CA ARG A 77 -3.02 -12.55 -12.21
C ARG A 77 -1.68 -12.96 -11.59
N SER A 78 -0.57 -12.35 -12.00
CA SER A 78 0.78 -12.61 -11.47
C SER A 78 1.71 -11.38 -11.53
N ILE A 79 2.80 -11.39 -10.75
CA ILE A 79 3.90 -10.42 -10.88
C ILE A 79 4.75 -10.82 -12.10
N ARG A 80 5.15 -9.85 -12.94
CA ARG A 80 5.94 -10.11 -14.15
C ARG A 80 7.35 -10.62 -13.80
N LYS A 81 7.79 -11.69 -14.46
CA LYS A 81 9.10 -12.33 -14.25
C LYS A 81 10.10 -11.95 -15.36
N PHE A 82 11.38 -11.88 -15.01
CA PHE A 82 12.51 -11.67 -15.93
C PHE A 82 13.70 -12.61 -15.61
N ASN A 83 14.57 -12.84 -16.59
CA ASN A 83 15.73 -13.73 -16.45
C ASN A 83 17.01 -13.08 -15.89
N THR A 84 17.12 -11.74 -15.93
CA THR A 84 18.33 -11.01 -15.51
C THR A 84 18.00 -9.70 -14.81
N MET A 85 18.96 -9.20 -14.02
CA MET A 85 18.92 -7.84 -13.46
C MET A 85 18.85 -6.79 -14.59
N GLN A 86 19.45 -7.09 -15.74
CA GLN A 86 19.50 -6.17 -16.88
C GLN A 86 18.15 -6.06 -17.61
N GLN A 87 17.38 -7.16 -17.70
CA GLN A 87 16.02 -7.17 -18.24
C GLN A 87 15.05 -6.42 -17.33
N CYS A 88 15.04 -6.73 -16.03
CA CYS A 88 14.06 -6.16 -15.11
C CYS A 88 14.25 -4.65 -14.90
N ILE A 89 15.50 -4.17 -14.90
CA ILE A 89 15.83 -2.74 -14.81
C ILE A 89 15.46 -2.03 -16.12
N ASP A 90 15.86 -2.55 -17.27
CA ASP A 90 15.58 -1.85 -18.54
C ASP A 90 14.08 -1.81 -18.84
N PHE A 91 13.34 -2.87 -18.52
CA PHE A 91 11.88 -2.94 -18.69
C PHE A 91 11.13 -2.10 -17.65
N THR A 92 11.70 -1.83 -16.47
CA THR A 92 11.12 -0.85 -15.52
C THR A 92 11.43 0.60 -15.87
N PHE A 93 12.53 0.88 -16.59
CA PHE A 93 12.82 2.21 -17.16
C PHE A 93 12.21 2.44 -18.56
N SER A 94 11.57 1.43 -19.16
CA SER A 94 10.86 1.46 -20.46
C SER A 94 9.47 2.13 -20.39
N ASP A 95 9.39 3.27 -19.70
CA ASP A 95 8.18 4.10 -19.47
C ASP A 95 7.39 4.50 -20.74
N VAL A 96 8.01 4.38 -21.91
CA VAL A 96 7.42 4.56 -23.25
C VAL A 96 6.36 3.49 -23.58
N ILE A 97 6.56 2.25 -23.13
CA ILE A 97 5.74 1.09 -23.52
C ILE A 97 4.43 0.99 -22.72
N ASN A 98 4.34 1.73 -21.60
CA ASN A 98 3.23 1.75 -20.65
C ASN A 98 2.90 0.33 -20.12
N ILE A 99 3.77 -0.16 -19.24
CA ILE A 99 3.62 -1.43 -18.53
C ILE A 99 2.50 -1.30 -17.49
N ASN A 100 1.64 -2.30 -17.38
CA ASN A 100 0.55 -2.32 -16.39
C ASN A 100 1.09 -2.65 -15.00
N ILE A 101 0.73 -1.81 -14.00
CA ILE A 101 1.23 -1.91 -12.62
C ILE A 101 0.07 -2.29 -11.67
N TYR A 102 0.22 -3.38 -10.92
CA TYR A 102 -0.82 -3.92 -10.02
C TYR A 102 -0.48 -3.57 -8.55
N ASN A 103 -1.43 -2.94 -7.84
CA ASN A 103 -1.32 -2.63 -6.41
C ASN A 103 -1.77 -3.83 -5.54
N PRO A 104 -0.94 -4.32 -4.60
CA PRO A 104 -1.20 -5.56 -3.86
C PRO A 104 -2.01 -5.36 -2.56
N CYS A 105 -2.59 -6.45 -2.04
CA CYS A 105 -3.44 -6.48 -0.84
C CYS A 105 -4.69 -5.57 -0.86
N VAL A 106 -5.12 -5.15 -2.06
CA VAL A 106 -6.38 -4.43 -2.33
C VAL A 106 -7.55 -5.45 -2.38
N VAL A 107 -8.77 -5.01 -2.69
CA VAL A 107 -9.99 -5.84 -2.77
C VAL A 107 -9.79 -7.17 -3.51
N PRO A 108 -9.28 -7.23 -4.75
CA PRO A 108 -8.78 -8.48 -5.35
C PRO A 108 -7.44 -8.88 -4.72
N ASN A 109 -7.33 -10.10 -4.20
CA ASN A 109 -6.28 -10.44 -3.23
C ASN A 109 -4.97 -10.98 -3.84
N ILE A 110 -3.95 -10.12 -3.89
CA ILE A 110 -2.56 -10.54 -3.65
C ILE A 110 -2.36 -10.74 -2.13
N ASN A 111 -1.54 -11.72 -1.74
CA ASN A 111 -1.48 -12.24 -0.37
C ASN A 111 -0.74 -11.31 0.60
N ASN A 112 -1.04 -11.40 1.91
CA ASN A 112 -0.47 -10.52 2.94
C ASN A 112 1.08 -10.55 3.04
N ALA A 113 1.71 -11.68 2.69
CA ALA A 113 3.17 -11.78 2.59
C ALA A 113 3.74 -11.11 1.32
N GLU A 114 2.96 -11.01 0.24
CA GLU A 114 3.41 -10.45 -1.05
C GLU A 114 3.32 -8.91 -1.07
N CYS A 115 2.40 -8.30 -0.31
CA CYS A 115 2.45 -6.85 -0.04
C CYS A 115 3.47 -6.50 1.05
N GLN A 116 3.74 -7.41 2.01
CA GLN A 116 4.83 -7.24 2.97
C GLN A 116 6.21 -7.33 2.30
N PHE A 117 6.36 -8.19 1.27
CA PHE A 117 7.53 -8.18 0.38
C PHE A 117 7.72 -6.78 -0.26
N LEU A 118 6.65 -6.18 -0.80
CA LEU A 118 6.72 -4.83 -1.38
C LEU A 118 7.06 -3.77 -0.31
N LYS A 119 6.50 -3.88 0.89
CA LYS A 119 6.76 -2.98 2.02
C LYS A 119 8.22 -3.04 2.51
N SER A 120 8.88 -4.16 2.23
CA SER A 120 10.31 -4.42 2.51
C SER A 120 11.25 -3.98 1.37
N VAL A 121 10.72 -3.89 0.14
CA VAL A 121 11.44 -3.43 -1.08
C VAL A 121 11.39 -1.91 -1.24
N LEU A 122 10.35 -1.22 -0.74
CA LEU A 122 10.25 0.24 -0.72
C LEU A 122 11.06 0.85 0.43
N ALA A 14 21.88 -28.91 24.88
CA ALA A 14 21.41 -27.74 24.13
C ALA A 14 19.90 -27.78 23.96
N THR A 15 19.27 -26.61 23.80
CA THR A 15 17.81 -26.41 23.88
C THR A 15 17.12 -26.31 22.51
N HIS A 16 17.89 -26.19 21.41
CA HIS A 16 17.39 -26.12 20.03
C HIS A 16 17.75 -27.36 19.19
N ALA A 17 16.87 -27.69 18.24
CA ALA A 17 17.11 -28.74 17.24
C ALA A 17 18.26 -28.35 16.29
N ALA A 18 18.93 -29.34 15.69
CA ALA A 18 20.07 -29.13 14.80
C ALA A 18 19.67 -28.55 13.44
N PHE A 19 20.53 -27.69 12.88
CA PHE A 19 20.38 -27.09 11.53
C PHE A 19 21.71 -26.54 11.01
N GLU A 20 22.79 -26.59 11.80
CA GLU A 20 23.85 -25.58 11.74
C GLU A 20 24.97 -25.81 10.70
N TYR A 21 24.83 -26.80 9.82
CA TYR A 21 25.82 -27.11 8.79
C TYR A 21 25.71 -26.21 7.54
N SER A 22 24.52 -26.17 6.91
CA SER A 22 24.19 -25.34 5.73
C SER A 22 22.78 -24.70 5.78
N LYS A 23 21.98 -24.96 6.82
CA LYS A 23 20.54 -24.60 6.91
C LYS A 23 20.21 -23.48 7.91
N SER A 24 21.20 -22.76 8.44
CA SER A 24 21.01 -21.57 9.29
C SER A 24 20.37 -20.41 8.51
N ILE A 25 19.46 -19.64 9.11
CA ILE A 25 18.59 -18.65 8.43
C ILE A 25 19.05 -17.22 8.71
N GLY A 26 19.06 -16.36 7.69
CA GLY A 26 19.44 -14.94 7.78
C GLY A 26 18.31 -14.03 8.31
N GLY A 27 18.65 -13.11 9.22
CA GLY A 27 17.69 -12.18 9.84
C GLY A 27 17.33 -10.97 8.95
N THR A 28 16.14 -10.39 9.17
CA THR A 28 15.70 -9.16 8.49
C THR A 28 14.71 -8.34 9.34
N PRO A 29 14.77 -6.98 9.34
CA PRO A 29 13.95 -6.14 10.22
C PRO A 29 12.44 -6.12 9.93
N ALA A 30 11.99 -6.50 8.73
CA ALA A 30 10.60 -6.34 8.31
C ALA A 30 10.17 -7.30 7.16
N LEU A 31 8.86 -7.34 6.91
CA LEU A 31 8.26 -7.87 5.67
C LEU A 31 8.67 -7.03 4.44
N ASP A 32 8.46 -7.60 3.24
CA ASP A 32 9.05 -7.21 1.95
C ASP A 32 10.54 -7.58 1.82
N ARG A 33 10.91 -8.15 0.66
CA ARG A 33 12.27 -8.61 0.34
C ARG A 33 13.25 -7.45 0.22
N ARG A 34 12.75 -6.25 -0.09
CA ARG A 34 13.48 -4.97 -0.09
C ARG A 34 13.36 -4.25 1.26
N VAL A 35 14.26 -3.31 1.51
CA VAL A 35 14.21 -2.43 2.70
C VAL A 35 13.15 -1.35 2.51
N GLN A 36 12.47 -0.97 3.58
CA GLN A 36 11.52 0.15 3.63
C GLN A 36 12.20 1.45 3.20
N ASP A 37 11.57 2.19 2.30
CA ASP A 37 12.04 3.49 1.81
C ASP A 37 11.40 4.64 2.60
N VAL A 38 12.11 5.76 2.70
CA VAL A 38 11.63 6.97 3.39
C VAL A 38 11.48 8.13 2.41
N ASN A 39 12.53 8.45 1.66
CA ASN A 39 12.63 9.69 0.86
C ASN A 39 11.80 9.68 -0.43
N ASP A 40 11.14 8.58 -0.78
CA ASP A 40 10.32 8.42 -1.99
C ASP A 40 9.01 9.23 -1.96
N THR A 41 8.41 9.32 -0.78
CA THR A 41 7.20 10.13 -0.50
C THR A 41 7.16 10.74 0.93
N ILE A 42 8.04 10.36 1.85
CA ILE A 42 8.15 10.86 3.24
C ILE A 42 6.75 10.91 3.91
N SER A 43 6.00 9.80 3.79
CA SER A 43 4.56 9.69 4.09
C SER A 43 4.18 8.26 4.51
N ASP A 44 4.99 7.61 5.36
CA ASP A 44 4.82 6.18 5.69
C ASP A 44 3.46 5.79 6.33
N VAL A 45 2.67 6.76 6.79
CA VAL A 45 1.24 6.58 7.14
C VAL A 45 0.41 5.93 6.01
N LYS A 46 0.80 6.11 4.74
CA LYS A 46 0.20 5.45 3.57
C LYS A 46 0.58 3.97 3.42
N GLN A 47 1.69 3.55 4.02
CA GLN A 47 2.14 2.15 4.10
C GLN A 47 1.59 1.42 5.35
N LYS A 48 0.88 2.15 6.21
CA LYS A 48 0.21 1.69 7.44
C LYS A 48 -1.31 1.53 7.27
N TRP A 49 -1.76 1.34 6.03
CA TRP A 49 -3.15 1.11 5.60
C TRP A 49 -4.16 2.25 5.89
N ARG A 50 -5.24 2.30 5.11
CA ARG A 50 -6.43 3.15 5.30
C ARG A 50 -7.71 2.39 4.92
N CYS A 51 -8.82 2.68 5.62
CA CYS A 51 -10.15 2.17 5.31
C CYS A 51 -11.17 3.32 5.10
N VAL A 52 -12.09 3.13 4.16
CA VAL A 52 -13.15 4.08 3.79
C VAL A 52 -14.44 3.33 3.42
N VAL A 53 -15.55 4.07 3.34
CA VAL A 53 -16.87 3.54 2.96
C VAL A 53 -17.06 3.55 1.45
N TYR A 54 -17.45 2.40 0.89
CA TYR A 54 -17.90 2.23 -0.49
C TYR A 54 -19.43 2.11 -0.59
N PRO A 55 -20.07 2.50 -1.72
CA PRO A 55 -21.51 2.45 -1.89
C PRO A 55 -22.12 1.10 -1.49
N GLY A 56 -23.26 1.15 -0.79
CA GLY A 56 -23.77 -0.01 -0.06
C GLY A 56 -23.32 -0.08 1.41
N ASN A 57 -22.73 0.99 1.95
CA ASN A 57 -22.12 1.07 3.28
C ASN A 57 -21.08 -0.06 3.53
N GLY A 58 -20.39 -0.45 2.47
CA GLY A 58 -19.39 -1.52 2.44
C GLY A 58 -18.00 -0.96 2.71
N PHE A 59 -17.43 -1.30 3.85
CA PHE A 59 -16.11 -0.80 4.28
C PHE A 59 -14.98 -1.53 3.55
N VAL A 60 -14.07 -0.78 2.92
CA VAL A 60 -12.96 -1.29 2.07
C VAL A 60 -11.61 -0.76 2.55
N SER A 61 -10.52 -1.53 2.41
CA SER A 61 -9.18 -1.20 2.93
C SER A 61 -8.07 -1.34 1.88
N ALA A 62 -7.04 -0.47 1.96
CA ALA A 62 -5.89 -0.43 1.05
C ALA A 62 -4.61 0.12 1.70
N SER A 63 -3.47 -0.14 1.07
CA SER A 63 -2.13 0.39 1.37
C SER A 63 -1.46 0.89 0.10
N ILE A 64 -0.26 1.42 0.25
CA ILE A 64 0.58 1.83 -0.87
C ILE A 64 1.03 0.66 -1.78
N PHE A 65 0.99 -0.58 -1.30
CA PHE A 65 1.31 -1.80 -2.06
C PHE A 65 0.10 -2.47 -2.73
N GLY A 66 -1.14 -2.09 -2.40
CA GLY A 66 -2.36 -2.62 -3.03
C GLY A 66 -3.63 -2.41 -2.21
N PHE A 67 -4.78 -2.71 -2.80
CA PHE A 67 -6.08 -2.79 -2.12
C PHE A 67 -6.42 -4.23 -1.73
N GLN A 68 -7.16 -4.45 -0.63
CA GLN A 68 -7.60 -5.81 -0.27
C GLN A 68 -8.62 -6.32 -1.30
N ALA A 69 -8.40 -7.56 -1.78
CA ALA A 69 -8.99 -8.07 -3.01
C ALA A 69 -9.60 -9.47 -2.87
N GLU A 70 -10.46 -9.84 -3.82
CA GLU A 70 -11.16 -11.12 -3.88
C GLU A 70 -11.43 -11.54 -5.35
N VAL A 71 -11.86 -12.78 -5.62
CA VAL A 71 -12.32 -13.25 -6.92
C VAL A 71 -13.79 -12.86 -7.21
N GLY A 72 -14.11 -12.64 -8.49
CA GLY A 72 -15.40 -12.17 -8.98
C GLY A 72 -16.00 -13.01 -10.12
N PRO A 73 -17.19 -12.61 -10.65
CA PRO A 73 -17.96 -13.34 -11.65
C PRO A 73 -17.15 -13.60 -12.93
N ASN A 74 -17.36 -14.78 -13.52
CA ASN A 74 -16.49 -15.37 -14.55
C ASN A 74 -14.98 -15.13 -14.26
N ASN A 75 -14.53 -15.45 -13.04
CA ASN A 75 -13.14 -15.43 -12.58
C ASN A 75 -12.41 -14.10 -12.79
N THR A 76 -13.15 -13.00 -12.65
CA THR A 76 -12.61 -11.62 -12.55
C THR A 76 -12.00 -11.34 -11.17
N ARG A 77 -11.48 -10.12 -10.94
CA ARG A 77 -11.10 -9.63 -9.61
C ARG A 77 -12.12 -8.60 -9.08
N SER A 78 -12.25 -8.56 -7.76
CA SER A 78 -13.12 -7.63 -7.02
C SER A 78 -12.36 -7.02 -5.84
N ILE A 79 -12.82 -5.85 -5.37
CA ILE A 79 -12.39 -5.27 -4.10
C ILE A 79 -13.09 -6.02 -2.94
N ARG A 80 -12.38 -6.25 -1.83
CA ARG A 80 -12.92 -6.90 -0.63
C ARG A 80 -13.58 -5.85 0.28
N LYS A 81 -14.91 -5.94 0.42
CA LYS A 81 -15.73 -5.11 1.33
C LYS A 81 -16.21 -5.88 2.56
N PHE A 82 -16.44 -5.14 3.65
CA PHE A 82 -16.80 -5.61 4.98
C PHE A 82 -17.99 -4.83 5.58
N ASN A 83 -18.62 -5.37 6.64
CA ASN A 83 -19.85 -4.84 7.23
C ASN A 83 -19.68 -3.59 8.12
N THR A 84 -18.49 -3.34 8.67
CA THR A 84 -18.18 -2.25 9.63
C THR A 84 -16.76 -1.75 9.49
N MET A 85 -16.52 -0.52 9.97
CA MET A 85 -15.17 0.03 10.15
C MET A 85 -14.31 -0.89 11.03
N GLN A 86 -14.93 -1.53 12.03
CA GLN A 86 -14.20 -2.44 12.91
C GLN A 86 -13.81 -3.76 12.23
N GLN A 87 -14.62 -4.28 11.30
CA GLN A 87 -14.27 -5.45 10.49
C GLN A 87 -13.23 -5.11 9.42
N CYS A 88 -13.28 -3.95 8.74
CA CYS A 88 -12.21 -3.58 7.80
C CYS A 88 -10.86 -3.40 8.52
N ILE A 89 -10.87 -2.82 9.73
CA ILE A 89 -9.67 -2.72 10.59
C ILE A 89 -9.19 -4.10 11.04
N ASP A 90 -10.09 -4.98 11.49
CA ASP A 90 -9.68 -6.32 11.94
C ASP A 90 -9.07 -7.15 10.80
N PHE A 91 -9.64 -7.07 9.59
CA PHE A 91 -9.08 -7.75 8.41
C PHE A 91 -7.82 -7.05 7.86
N THR A 92 -7.62 -5.76 8.13
CA THR A 92 -6.35 -5.05 7.89
C THR A 92 -5.23 -5.53 8.83
N PHE A 93 -5.56 -5.94 10.07
CA PHE A 93 -4.59 -6.42 11.06
C PHE A 93 -4.66 -7.94 11.35
N SER A 94 -5.40 -8.71 10.54
CA SER A 94 -5.45 -10.18 10.52
C SER A 94 -4.19 -10.80 9.89
N ASP A 95 -3.02 -10.29 10.26
CA ASP A 95 -1.70 -10.61 9.72
C ASP A 95 -1.28 -12.09 9.84
N VAL A 96 -1.96 -12.82 10.72
CA VAL A 96 -1.88 -14.28 10.96
C VAL A 96 -2.56 -15.09 9.84
N ILE A 97 -3.50 -14.48 9.13
CA ILE A 97 -4.11 -14.99 7.89
C ILE A 97 -3.47 -14.32 6.67
N ASN A 98 -3.11 -13.03 6.80
CA ASN A 98 -2.61 -12.15 5.73
C ASN A 98 -3.55 -12.11 4.51
N ILE A 99 -4.57 -11.26 4.60
CA ILE A 99 -5.65 -11.14 3.63
C ILE A 99 -5.12 -10.67 2.27
N ASN A 100 -5.62 -11.28 1.19
CA ASN A 100 -5.20 -11.05 -0.19
C ASN A 100 -5.33 -9.58 -0.65
N ILE A 101 -4.38 -9.13 -1.49
CA ILE A 101 -4.30 -7.77 -2.05
C ILE A 101 -4.07 -7.77 -3.56
N TYR A 102 -4.36 -6.66 -4.25
CA TYR A 102 -4.04 -6.45 -5.66
C TYR A 102 -3.57 -5.01 -5.96
N ASN A 103 -2.71 -4.83 -6.97
CA ASN A 103 -2.11 -3.54 -7.31
C ASN A 103 -3.00 -2.75 -8.29
N PRO A 104 -3.27 -1.45 -8.04
CA PRO A 104 -4.07 -0.62 -8.94
C PRO A 104 -3.26 -0.17 -10.16
N CYS A 105 -3.94 0.14 -11.27
CA CYS A 105 -3.42 0.91 -12.40
C CYS A 105 -2.15 0.33 -13.07
N VAL A 106 -2.09 -1.01 -13.21
CA VAL A 106 -1.04 -1.76 -13.94
C VAL A 106 -1.43 -2.00 -15.42
N VAL A 107 -0.72 -2.84 -16.18
CA VAL A 107 -1.15 -3.29 -17.53
C VAL A 107 -2.48 -4.07 -17.51
N PRO A 108 -2.74 -4.97 -16.53
CA PRO A 108 -4.08 -5.43 -16.21
C PRO A 108 -5.08 -4.29 -15.99
N ASN A 109 -6.33 -4.54 -16.34
CA ASN A 109 -7.27 -3.49 -16.73
C ASN A 109 -8.16 -3.03 -15.56
N ILE A 110 -7.70 -2.05 -14.79
CA ILE A 110 -8.48 -1.38 -13.73
C ILE A 110 -9.23 -0.20 -14.36
N ASN A 111 -10.46 0.05 -13.93
CA ASN A 111 -11.23 1.22 -14.37
C ASN A 111 -10.68 2.53 -13.79
N ASN A 112 -10.55 3.58 -14.60
CA ASN A 112 -9.85 4.80 -14.22
C ASN A 112 -10.54 5.63 -13.11
N ALA A 113 -11.86 5.50 -12.93
CA ALA A 113 -12.56 6.09 -11.78
C ALA A 113 -12.22 5.37 -10.46
N GLU A 114 -12.03 4.04 -10.51
CA GLU A 114 -11.62 3.22 -9.35
C GLU A 114 -10.13 3.45 -9.01
N CYS A 115 -9.27 3.63 -10.01
CA CYS A 115 -7.90 4.15 -9.84
C CYS A 115 -7.89 5.53 -9.15
N GLN A 116 -8.73 6.47 -9.58
CA GLN A 116 -8.80 7.80 -8.98
C GLN A 116 -9.44 7.80 -7.58
N PHE A 117 -10.24 6.78 -7.25
CA PHE A 117 -10.73 6.56 -5.88
C PHE A 117 -9.56 6.21 -4.95
N LEU A 118 -8.71 5.27 -5.38
CA LEU A 118 -7.53 4.85 -4.62
C LEU A 118 -6.56 6.03 -4.45
N LYS A 119 -6.35 6.82 -5.51
CA LYS A 119 -5.54 8.06 -5.44
C LYS A 119 -6.15 9.17 -4.57
N SER A 120 -7.47 9.12 -4.33
CA SER A 120 -8.18 10.00 -3.37
C SER A 120 -8.17 9.48 -1.92
N VAL A 121 -7.70 8.25 -1.69
CA VAL A 121 -7.40 7.70 -0.34
C VAL A 121 -5.90 7.84 0.02
N LEU A 122 -4.99 7.78 -0.95
CA LEU A 122 -3.53 7.78 -0.76
C LEU A 122 -2.84 9.03 -1.33
N ALA A 14 23.84 -6.26 1.15
CA ALA A 14 22.55 -5.94 0.51
C ALA A 14 21.81 -7.22 0.14
N THR A 15 20.58 -7.38 0.60
CA THR A 15 19.76 -8.59 0.39
C THR A 15 19.34 -8.83 -1.06
N HIS A 16 18.92 -7.77 -1.77
CA HIS A 16 18.17 -7.90 -3.03
C HIS A 16 18.39 -6.76 -4.06
N ALA A 17 18.99 -5.64 -3.63
CA ALA A 17 19.22 -4.45 -4.47
C ALA A 17 20.67 -4.27 -4.97
N ALA A 18 21.57 -5.23 -4.70
CA ALA A 18 23.01 -5.20 -5.02
C ALA A 18 23.83 -4.08 -4.32
N PHE A 19 25.16 -4.18 -4.37
CA PHE A 19 26.10 -3.22 -3.73
C PHE A 19 27.45 -3.07 -4.46
N GLU A 20 27.72 -3.89 -5.48
CA GLU A 20 28.98 -4.00 -6.24
C GLU A 20 30.21 -4.49 -5.45
N TYR A 21 30.01 -5.08 -4.27
CA TYR A 21 31.05 -5.70 -3.41
C TYR A 21 32.19 -4.75 -3.00
N SER A 22 33.33 -5.29 -2.53
CA SER A 22 34.59 -4.64 -2.13
C SER A 22 34.40 -3.37 -1.27
N LYS A 23 34.34 -3.53 0.06
CA LYS A 23 34.27 -2.43 1.03
C LYS A 23 35.63 -1.73 1.16
N SER A 24 35.71 -0.48 0.70
CA SER A 24 36.91 0.36 0.63
C SER A 24 37.42 0.82 2.00
N ILE A 25 38.61 1.43 2.04
CA ILE A 25 39.09 2.16 3.23
C ILE A 25 38.34 3.49 3.42
N GLY A 26 38.22 3.94 4.68
CA GLY A 26 37.42 5.11 5.05
C GLY A 26 37.25 5.28 6.56
N GLY A 27 36.15 5.92 6.95
CA GLY A 27 35.67 5.94 8.34
C GLY A 27 34.42 6.78 8.55
N THR A 28 33.70 6.50 9.64
CA THR A 28 32.42 7.15 9.99
C THR A 28 32.12 7.07 11.50
N PRO A 29 31.46 8.07 12.11
CA PRO A 29 31.09 8.04 13.53
C PRO A 29 30.26 6.81 13.93
N ALA A 30 30.64 6.18 15.03
CA ALA A 30 29.96 5.00 15.56
C ALA A 30 28.58 5.33 16.18
N LEU A 31 28.46 6.51 16.80
CA LEU A 31 27.24 7.12 17.31
C LEU A 31 26.74 8.23 16.36
N ASP A 32 25.63 8.89 16.69
CA ASP A 32 25.13 10.06 15.93
C ASP A 32 24.57 11.12 16.88
N ARG A 33 24.94 12.39 16.64
CA ARG A 33 24.46 13.58 17.36
C ARG A 33 23.00 13.95 17.04
N ARG A 34 22.46 13.49 15.91
CA ARG A 34 21.06 13.72 15.48
C ARG A 34 20.00 13.16 16.43
N VAL A 35 18.77 13.66 16.31
CA VAL A 35 17.53 12.98 16.71
C VAL A 35 16.85 12.38 15.47
N GLN A 36 16.30 11.17 15.57
CA GLN A 36 15.45 10.54 14.55
C GLN A 36 14.07 10.18 15.15
N ASP A 37 13.07 10.00 14.28
CA ASP A 37 11.67 9.72 14.67
C ASP A 37 11.13 8.41 14.07
N VAL A 38 9.99 7.91 14.58
CA VAL A 38 9.45 6.57 14.28
C VAL A 38 7.93 6.58 14.04
N ASN A 39 7.15 7.25 14.90
CA ASN A 39 5.70 7.08 15.01
C ASN A 39 4.92 8.36 14.69
N ASP A 40 3.83 8.22 13.95
CA ASP A 40 2.91 9.28 13.46
C ASP A 40 3.52 10.31 12.49
N THR A 41 4.79 10.68 12.68
CA THR A 41 5.62 11.38 11.70
C THR A 41 5.80 10.56 10.42
N ILE A 42 5.90 9.24 10.55
CA ILE A 42 5.88 8.28 9.43
C ILE A 42 4.43 7.85 9.21
N SER A 43 3.92 8.08 7.99
CA SER A 43 2.51 7.90 7.60
C SER A 43 2.28 6.45 7.19
N ASP A 44 2.58 5.56 8.12
CA ASP A 44 2.85 4.14 7.89
C ASP A 44 1.66 3.39 7.27
N VAL A 45 0.44 3.80 7.60
CA VAL A 45 -0.82 3.25 7.05
C VAL A 45 -0.97 3.46 5.54
N LYS A 46 -0.19 4.38 4.94
CA LYS A 46 -0.09 4.53 3.48
C LYS A 46 0.67 3.39 2.81
N GLN A 47 1.51 2.65 3.54
CA GLN A 47 2.13 1.39 3.07
C GLN A 47 1.49 0.13 3.65
N LYS A 48 1.17 0.19 4.95
CA LYS A 48 0.79 -0.94 5.84
C LYS A 48 -0.73 -1.17 5.97
N TRP A 49 -1.51 -0.65 5.03
CA TRP A 49 -2.98 -0.63 4.95
C TRP A 49 -3.70 0.33 5.92
N ARG A 50 -4.78 0.96 5.43
CA ARG A 50 -5.71 1.84 6.16
C ARG A 50 -7.14 1.56 5.67
N CYS A 51 -8.13 1.57 6.56
CA CYS A 51 -9.54 1.41 6.19
C CYS A 51 -10.18 2.75 5.79
N VAL A 52 -10.99 2.77 4.74
CA VAL A 52 -11.71 3.94 4.21
C VAL A 52 -13.13 3.55 3.81
N VAL A 53 -13.98 4.54 3.62
CA VAL A 53 -15.39 4.36 3.21
C VAL A 53 -15.48 3.96 1.73
N TYR A 54 -16.29 2.94 1.48
CA TYR A 54 -16.79 2.58 0.14
C TYR A 54 -18.19 3.16 -0.07
N PRO A 55 -18.45 3.88 -1.18
CA PRO A 55 -19.71 4.59 -1.37
C PRO A 55 -20.89 3.61 -1.44
N GLY A 56 -21.97 3.93 -0.73
CA GLY A 56 -23.07 2.99 -0.41
C GLY A 56 -23.08 2.51 1.05
N ASN A 57 -22.35 3.19 1.95
CA ASN A 57 -22.12 2.81 3.36
C ASN A 57 -21.44 1.45 3.58
N GLY A 58 -20.50 1.13 2.70
CA GLY A 58 -19.53 0.07 2.89
C GLY A 58 -18.19 0.63 3.37
N PHE A 59 -17.23 -0.27 3.56
CA PHE A 59 -15.83 0.03 3.87
C PHE A 59 -14.91 -0.90 3.08
N VAL A 60 -13.70 -0.41 2.77
CA VAL A 60 -12.59 -1.17 2.14
C VAL A 60 -11.24 -0.77 2.74
N SER A 61 -10.19 -1.60 2.56
CA SER A 61 -8.83 -1.32 3.09
C SER A 61 -7.75 -1.35 2.01
N ALA A 62 -6.86 -0.35 2.01
CA ALA A 62 -5.92 -0.07 0.91
C ALA A 62 -4.65 0.71 1.32
N SER A 63 -3.65 0.71 0.42
CA SER A 63 -2.38 1.45 0.48
C SER A 63 -1.90 1.77 -0.94
N ILE A 64 -0.78 2.51 -1.04
CA ILE A 64 -0.14 2.88 -2.33
C ILE A 64 0.18 1.68 -3.23
N PHE A 65 0.41 0.51 -2.64
CA PHE A 65 0.77 -0.73 -3.34
C PHE A 65 -0.43 -1.55 -3.82
N GLY A 66 -1.62 -1.36 -3.25
CA GLY A 66 -2.78 -2.21 -3.54
C GLY A 66 -3.94 -2.12 -2.55
N PHE A 67 -4.99 -2.89 -2.83
CA PHE A 67 -6.19 -3.03 -2.01
C PHE A 67 -6.60 -4.50 -1.83
N GLN A 68 -7.37 -4.79 -0.78
CA GLN A 68 -7.82 -6.16 -0.47
C GLN A 68 -8.91 -6.62 -1.46
N ALA A 69 -8.67 -7.71 -2.19
CA ALA A 69 -9.58 -8.20 -3.23
C ALA A 69 -9.34 -9.69 -3.57
N GLU A 70 -10.35 -10.34 -4.16
CA GLU A 70 -10.35 -11.78 -4.47
C GLU A 70 -10.93 -12.07 -5.87
N VAL A 71 -10.63 -13.25 -6.43
CA VAL A 71 -11.20 -13.72 -7.67
C VAL A 71 -12.71 -13.95 -7.58
N GLY A 72 -13.41 -13.68 -8.67
CA GLY A 72 -14.84 -13.96 -8.87
C GLY A 72 -15.12 -15.00 -9.98
N PRO A 73 -16.42 -15.32 -10.22
CA PRO A 73 -16.87 -16.26 -11.25
C PRO A 73 -16.28 -15.98 -12.64
N ASN A 74 -16.06 -17.04 -13.43
CA ASN A 74 -15.29 -17.00 -14.69
C ASN A 74 -13.87 -16.37 -14.51
N ASN A 75 -13.27 -16.52 -13.32
CA ASN A 75 -11.96 -15.96 -12.95
C ASN A 75 -11.89 -14.43 -13.12
N THR A 76 -12.98 -13.74 -12.79
CA THR A 76 -13.05 -12.26 -12.68
C THR A 76 -12.44 -11.78 -11.36
N ARG A 77 -12.65 -10.52 -10.95
CA ARG A 77 -12.28 -9.99 -9.62
C ARG A 77 -13.21 -8.88 -9.10
N SER A 78 -13.38 -8.83 -7.77
CA SER A 78 -14.06 -7.75 -7.03
C SER A 78 -13.41 -7.46 -5.68
N ILE A 79 -13.55 -6.23 -5.17
CA ILE A 79 -12.90 -5.74 -3.94
C ILE A 79 -13.57 -6.33 -2.68
N ARG A 80 -12.78 -6.68 -1.65
CA ARG A 80 -13.28 -7.12 -0.33
C ARG A 80 -13.88 -5.94 0.41
N LYS A 81 -15.20 -5.99 0.67
CA LYS A 81 -15.99 -4.95 1.33
C LYS A 81 -16.46 -5.42 2.72
N PHE A 82 -16.80 -4.47 3.59
CA PHE A 82 -17.22 -4.73 4.97
C PHE A 82 -18.47 -3.94 5.35
N ASN A 83 -19.27 -4.47 6.28
CA ASN A 83 -20.49 -3.84 6.80
C ASN A 83 -20.17 -2.71 7.79
N THR A 84 -19.19 -2.94 8.68
CA THR A 84 -18.74 -2.00 9.71
C THR A 84 -17.27 -1.63 9.51
N MET A 85 -16.89 -0.45 9.97
CA MET A 85 -15.47 -0.09 10.00
C MET A 85 -14.68 -1.00 10.94
N GLN A 86 -15.32 -1.61 11.96
CA GLN A 86 -14.66 -2.57 12.86
C GLN A 86 -14.26 -3.86 12.14
N GLN A 87 -15.12 -4.40 11.27
CA GLN A 87 -14.81 -5.58 10.43
C GLN A 87 -13.71 -5.29 9.39
N CYS A 88 -13.61 -4.05 8.93
CA CYS A 88 -12.56 -3.56 8.03
C CYS A 88 -11.21 -3.33 8.75
N ILE A 89 -11.22 -2.74 9.93
CA ILE A 89 -10.02 -2.52 10.76
C ILE A 89 -9.46 -3.86 11.26
N ASP A 90 -10.33 -4.82 11.58
CA ASP A 90 -9.94 -6.20 11.93
C ASP A 90 -9.15 -6.87 10.79
N PHE A 91 -9.65 -6.72 9.57
CA PHE A 91 -8.97 -7.20 8.35
C PHE A 91 -7.72 -6.39 7.98
N THR A 92 -7.62 -5.14 8.44
CA THR A 92 -6.43 -4.29 8.31
C THR A 92 -5.31 -4.70 9.29
N PHE A 93 -5.66 -5.07 10.53
CA PHE A 93 -4.70 -5.50 11.56
C PHE A 93 -4.41 -7.02 11.59
N SER A 94 -5.05 -7.81 10.72
CA SER A 94 -4.83 -9.27 10.57
C SER A 94 -3.82 -9.65 9.49
N ASP A 95 -2.72 -8.90 9.34
CA ASP A 95 -1.81 -9.02 8.20
C ASP A 95 -1.03 -10.35 8.09
N VAL A 96 -0.96 -11.13 9.17
CA VAL A 96 -0.34 -12.48 9.23
C VAL A 96 -1.36 -13.60 8.94
N ILE A 97 -2.64 -13.25 8.71
CA ILE A 97 -3.65 -14.12 8.05
C ILE A 97 -3.53 -14.04 6.51
N ASN A 98 -2.64 -13.16 6.00
CA ASN A 98 -2.29 -12.99 4.59
C ASN A 98 -3.53 -12.76 3.69
N ILE A 99 -4.31 -11.71 3.97
CA ILE A 99 -5.42 -11.27 3.12
C ILE A 99 -4.88 -10.88 1.73
N ASN A 100 -5.56 -11.31 0.67
CA ASN A 100 -5.08 -11.14 -0.71
C ASN A 100 -5.16 -9.70 -1.23
N ILE A 101 -4.09 -9.21 -1.88
CA ILE A 101 -3.96 -7.84 -2.42
C ILE A 101 -3.86 -7.83 -3.96
N TYR A 102 -4.49 -6.86 -4.61
CA TYR A 102 -4.35 -6.56 -6.05
C TYR A 102 -3.67 -5.19 -6.29
N ASN A 103 -2.90 -5.05 -7.38
CA ASN A 103 -2.17 -3.81 -7.70
C ASN A 103 -2.98 -2.95 -8.70
N PRO A 104 -3.35 -1.69 -8.37
CA PRO A 104 -4.13 -0.81 -9.24
C PRO A 104 -3.29 -0.11 -10.31
N CYS A 105 -3.93 0.23 -11.42
CA CYS A 105 -3.40 1.01 -12.55
C CYS A 105 -2.10 0.44 -13.15
N VAL A 106 -2.02 -0.89 -13.29
CA VAL A 106 -0.90 -1.59 -13.94
C VAL A 106 -1.06 -1.61 -15.48
N VAL A 107 -0.22 -2.32 -16.23
CA VAL A 107 -0.43 -2.56 -17.67
C VAL A 107 -1.65 -3.47 -17.94
N PRO A 108 -1.92 -4.52 -17.13
CA PRO A 108 -3.24 -5.13 -17.05
C PRO A 108 -4.35 -4.12 -16.73
N ASN A 109 -5.57 -4.48 -17.11
CA ASN A 109 -6.67 -3.54 -17.28
C ASN A 109 -7.44 -3.33 -15.96
N ILE A 110 -7.17 -2.18 -15.30
CA ILE A 110 -7.84 -1.73 -14.08
C ILE A 110 -8.85 -0.62 -14.43
N ASN A 111 -10.03 -0.64 -13.80
CA ASN A 111 -11.15 0.23 -14.17
C ASN A 111 -10.86 1.71 -13.80
N ASN A 112 -11.43 2.65 -14.56
CA ASN A 112 -11.22 4.08 -14.32
C ASN A 112 -11.63 4.50 -12.89
N ALA A 113 -12.76 4.00 -12.39
CA ALA A 113 -13.23 4.21 -11.02
C ALA A 113 -12.26 3.66 -9.96
N GLU A 114 -11.52 2.57 -10.23
CA GLU A 114 -10.53 2.02 -9.29
C GLU A 114 -9.28 2.91 -9.23
N CYS A 115 -8.85 3.47 -10.36
CA CYS A 115 -7.76 4.46 -10.42
C CYS A 115 -8.16 5.82 -9.83
N GLN A 116 -9.44 6.20 -9.90
CA GLN A 116 -9.99 7.34 -9.15
C GLN A 116 -10.03 7.05 -7.65
N PHE A 117 -10.42 5.85 -7.23
CA PHE A 117 -10.45 5.49 -5.80
C PHE A 117 -9.03 5.47 -5.21
N LEU A 118 -8.00 5.09 -5.99
CA LEU A 118 -6.60 5.23 -5.57
C LEU A 118 -6.26 6.70 -5.28
N LYS A 119 -6.72 7.62 -6.14
CA LYS A 119 -6.57 9.08 -5.93
C LYS A 119 -7.32 9.61 -4.69
N SER A 120 -8.30 8.87 -4.18
CA SER A 120 -8.96 9.11 -2.88
C SER A 120 -8.28 8.43 -1.69
N VAL A 121 -7.36 7.48 -1.89
CA VAL A 121 -6.62 6.77 -0.82
C VAL A 121 -5.26 7.41 -0.50
N LEU A 122 -4.63 8.07 -1.48
CA LEU A 122 -3.29 8.68 -1.36
C LEU A 122 -3.29 10.00 -0.57
N ALA A 14 29.85 9.80 -13.33
CA ALA A 14 29.34 10.83 -12.41
C ALA A 14 28.03 11.41 -12.91
N THR A 15 27.18 11.86 -11.99
CA THR A 15 25.86 12.45 -12.22
C THR A 15 25.92 13.93 -12.63
N HIS A 16 24.84 14.46 -13.23
CA HIS A 16 24.74 15.87 -13.69
C HIS A 16 24.82 16.89 -12.54
N ALA A 17 24.53 16.46 -11.31
CA ALA A 17 24.92 17.13 -10.08
C ALA A 17 25.47 16.12 -9.06
N ALA A 18 26.73 16.33 -8.65
CA ALA A 18 27.52 15.45 -7.76
C ALA A 18 28.51 16.21 -6.85
N PHE A 19 28.59 17.54 -6.99
CA PHE A 19 29.50 18.46 -6.30
C PHE A 19 28.90 19.86 -6.43
N GLU A 20 28.51 20.48 -5.32
CA GLU A 20 27.57 21.62 -5.39
C GLU A 20 28.30 22.97 -5.63
N TYR A 21 28.22 23.53 -6.84
CA TYR A 21 28.88 24.78 -7.21
C TYR A 21 28.20 26.06 -6.68
N SER A 22 26.92 25.98 -6.30
CA SER A 22 26.10 27.09 -5.77
C SER A 22 25.89 28.27 -6.75
N LYS A 23 25.12 29.29 -6.33
CA LYS A 23 24.75 30.49 -7.12
C LYS A 23 24.03 30.13 -8.44
N SER A 24 22.79 29.65 -8.33
CA SER A 24 22.01 29.07 -9.45
C SER A 24 20.85 29.97 -9.91
N ILE A 25 20.58 29.97 -11.23
CA ILE A 25 19.54 30.78 -11.87
C ILE A 25 18.15 30.34 -11.39
N GLY A 26 17.37 31.29 -10.87
CA GLY A 26 16.06 31.06 -10.25
C GLY A 26 16.07 30.23 -8.96
N GLY A 27 17.23 29.73 -8.53
CA GLY A 27 17.37 29.01 -7.27
C GLY A 27 17.08 29.92 -6.07
N THR A 28 16.36 29.37 -5.09
CA THR A 28 16.03 30.04 -3.82
C THR A 28 16.50 29.17 -2.64
N PRO A 29 16.94 29.73 -1.50
CA PRO A 29 17.52 28.94 -0.40
C PRO A 29 16.55 27.93 0.22
N ALA A 30 17.11 26.92 0.91
CA ALA A 30 16.35 25.96 1.70
C ALA A 30 16.08 26.48 3.12
N LEU A 31 15.06 25.92 3.79
CA LEU A 31 14.77 26.17 5.21
C LEU A 31 15.08 24.96 6.12
N ASP A 32 15.27 23.77 5.54
CA ASP A 32 15.81 22.58 6.21
C ASP A 32 16.69 21.79 5.24
N ARG A 33 17.84 21.28 5.72
CA ARG A 33 18.81 20.53 4.92
C ARG A 33 18.29 19.21 4.34
N ARG A 34 17.12 18.74 4.79
CA ARG A 34 16.46 17.52 4.25
C ARG A 34 16.26 17.58 2.73
N VAL A 35 16.31 16.44 2.05
CA VAL A 35 16.20 16.37 0.58
C VAL A 35 14.76 16.11 0.11
N GLN A 36 14.33 16.79 -0.96
CA GLN A 36 13.06 16.50 -1.65
C GLN A 36 13.21 15.28 -2.58
N ASP A 37 13.55 14.12 -2.02
CA ASP A 37 13.78 12.84 -2.74
C ASP A 37 13.44 11.58 -1.90
N VAL A 38 12.92 11.74 -0.68
CA VAL A 38 12.69 10.65 0.29
C VAL A 38 11.42 9.87 -0.05
N ASN A 39 10.34 10.56 -0.40
CA ASN A 39 9.03 9.97 -0.77
C ASN A 39 9.03 9.34 -2.19
N ASP A 40 10.22 9.15 -2.79
CA ASP A 40 10.44 8.40 -4.03
C ASP A 40 10.64 6.89 -3.78
N THR A 41 10.95 6.49 -2.53
CA THR A 41 11.06 5.07 -2.12
C THR A 41 10.57 4.78 -0.70
N ILE A 42 10.53 5.77 0.20
CA ILE A 42 9.95 5.64 1.55
C ILE A 42 8.44 5.93 1.51
N SER A 43 7.63 5.00 2.01
CA SER A 43 6.16 5.08 2.01
C SER A 43 5.54 4.54 3.31
N ASP A 44 6.25 4.60 4.44
CA ASP A 44 5.88 3.85 5.65
C ASP A 44 4.53 4.27 6.25
N VAL A 45 4.17 5.56 6.17
CA VAL A 45 2.84 6.05 6.59
C VAL A 45 1.75 5.51 5.65
N LYS A 46 2.04 5.45 4.35
CA LYS A 46 1.18 4.85 3.31
C LYS A 46 1.16 3.32 3.33
N GLN A 47 1.97 2.67 4.17
CA GLN A 47 1.94 1.21 4.43
C GLN A 47 1.35 0.85 5.81
N LYS A 48 1.02 1.84 6.64
CA LYS A 48 0.48 1.66 8.02
C LYS A 48 -0.98 1.18 8.07
N TRP A 49 -1.62 1.01 6.90
CA TRP A 49 -3.06 0.79 6.65
C TRP A 49 -4.01 1.92 7.10
N ARG A 50 -4.99 2.23 6.26
CA ARG A 50 -6.22 2.96 6.61
C ARG A 50 -7.43 2.24 6.03
N CYS A 51 -8.56 2.25 6.74
CA CYS A 51 -9.85 1.85 6.19
C CYS A 51 -10.63 3.08 5.67
N VAL A 52 -11.25 2.94 4.50
CA VAL A 52 -11.93 4.00 3.74
C VAL A 52 -13.27 3.50 3.21
N VAL A 53 -14.20 4.42 3.00
CA VAL A 53 -15.60 4.12 2.63
C VAL A 53 -15.81 4.30 1.13
N TYR A 54 -16.09 3.19 0.41
CA TYR A 54 -16.49 3.26 -0.99
C TYR A 54 -18.02 3.33 -1.15
N PRO A 55 -18.56 4.11 -2.14
CA PRO A 55 -20.00 4.29 -2.31
C PRO A 55 -20.74 2.97 -2.40
N GLY A 56 -21.91 2.88 -1.76
CA GLY A 56 -22.57 1.60 -1.47
C GLY A 56 -22.32 1.07 -0.06
N ASN A 57 -21.69 1.87 0.81
CA ASN A 57 -21.29 1.53 2.19
C ASN A 57 -20.49 0.22 2.29
N GLY A 58 -19.67 -0.01 1.26
CA GLY A 58 -18.66 -1.07 1.22
C GLY A 58 -17.33 -0.54 1.73
N PHE A 59 -17.01 -0.83 2.99
CA PHE A 59 -15.75 -0.43 3.62
C PHE A 59 -14.62 -1.28 3.06
N VAL A 60 -13.48 -0.67 2.76
CA VAL A 60 -12.27 -1.34 2.21
C VAL A 60 -11.00 -0.88 2.94
N SER A 61 -9.96 -1.72 2.96
CA SER A 61 -8.65 -1.42 3.56
C SER A 61 -7.57 -1.24 2.49
N ALA A 62 -6.69 -0.24 2.67
CA ALA A 62 -5.76 0.22 1.63
C ALA A 62 -4.34 0.48 2.15
N SER A 63 -3.35 0.43 1.26
CA SER A 63 -1.96 0.89 1.44
C SER A 63 -1.26 1.10 0.09
N ILE A 64 0.02 1.46 0.10
CA ILE A 64 0.82 1.81 -1.09
C ILE A 64 0.84 0.73 -2.20
N PHE A 65 0.62 -0.55 -1.86
CA PHE A 65 0.53 -1.67 -2.80
C PHE A 65 -0.91 -2.00 -3.29
N GLY A 66 -1.92 -1.21 -2.90
CA GLY A 66 -3.30 -1.30 -3.40
C GLY A 66 -4.38 -1.49 -2.33
N PHE A 67 -5.42 -2.27 -2.66
CA PHE A 67 -6.57 -2.57 -1.80
C PHE A 67 -6.62 -4.05 -1.43
N GLN A 68 -7.01 -4.36 -0.19
CA GLN A 68 -6.97 -5.73 0.36
C GLN A 68 -7.95 -6.67 -0.36
N ALA A 69 -7.44 -7.82 -0.81
CA ALA A 69 -8.11 -8.67 -1.80
C ALA A 69 -8.33 -10.13 -1.37
N GLU A 70 -9.16 -10.84 -2.13
CA GLU A 70 -9.44 -12.28 -2.07
C GLU A 70 -9.44 -12.89 -3.48
N VAL A 71 -8.93 -14.11 -3.62
CA VAL A 71 -8.79 -14.85 -4.87
C VAL A 71 -9.86 -15.95 -4.99
N GLY A 72 -10.56 -15.96 -6.12
CA GLY A 72 -11.62 -16.92 -6.46
C GLY A 72 -11.14 -18.19 -7.19
N PRO A 73 -11.79 -19.35 -6.98
CA PRO A 73 -11.31 -20.65 -7.47
C PRO A 73 -11.31 -20.80 -8.99
N ASN A 74 -12.11 -20.01 -9.72
CA ASN A 74 -12.11 -19.96 -11.19
C ASN A 74 -11.03 -18.99 -11.74
N ASN A 75 -9.92 -18.83 -11.01
CA ASN A 75 -8.77 -17.99 -11.38
C ASN A 75 -9.15 -16.51 -11.53
N THR A 76 -9.95 -16.02 -10.58
CA THR A 76 -10.45 -14.64 -10.50
C THR A 76 -9.89 -13.92 -9.27
N ARG A 77 -9.87 -12.58 -9.27
CA ARG A 77 -9.42 -11.77 -8.13
C ARG A 77 -10.39 -10.62 -7.81
N SER A 78 -10.64 -10.42 -6.52
CA SER A 78 -11.66 -9.50 -5.98
C SER A 78 -11.15 -8.65 -4.83
N ILE A 79 -11.60 -7.40 -4.69
CA ILE A 79 -11.37 -6.58 -3.48
C ILE A 79 -12.38 -7.02 -2.39
N ARG A 80 -11.93 -7.16 -1.14
CA ARG A 80 -12.79 -7.53 0.00
C ARG A 80 -13.74 -6.39 0.36
N LYS A 81 -15.01 -6.71 0.64
CA LYS A 81 -16.08 -5.72 0.86
C LYS A 81 -16.69 -5.89 2.25
N PHE A 82 -16.45 -4.92 3.14
CA PHE A 82 -16.81 -5.00 4.56
C PHE A 82 -18.02 -4.11 4.92
N ASN A 83 -18.76 -4.50 5.95
CA ASN A 83 -20.01 -3.86 6.35
C ASN A 83 -19.82 -2.64 7.29
N THR A 84 -18.73 -2.60 8.06
CA THR A 84 -18.44 -1.59 9.08
C THR A 84 -16.95 -1.24 9.15
N MET A 85 -16.66 -0.08 9.74
CA MET A 85 -15.31 0.33 10.14
C MET A 85 -14.67 -0.73 11.06
N GLN A 86 -15.47 -1.41 11.88
CA GLN A 86 -14.96 -2.48 12.76
C GLN A 86 -14.58 -3.76 11.99
N GLN A 87 -15.30 -4.11 10.93
CA GLN A 87 -15.01 -5.29 10.12
C GLN A 87 -13.79 -5.09 9.21
N CYS A 88 -13.61 -3.91 8.59
CA CYS A 88 -12.40 -3.66 7.79
C CYS A 88 -11.13 -3.56 8.66
N ILE A 89 -11.23 -3.04 9.89
CA ILE A 89 -10.13 -3.06 10.87
C ILE A 89 -9.84 -4.50 11.33
N ASP A 90 -10.87 -5.27 11.66
CA ASP A 90 -10.71 -6.69 12.07
C ASP A 90 -10.01 -7.51 10.98
N PHE A 91 -10.35 -7.26 9.71
CA PHE A 91 -9.71 -7.96 8.59
C PHE A 91 -8.33 -7.38 8.20
N THR A 92 -8.05 -6.11 8.53
CA THR A 92 -6.68 -5.56 8.47
C THR A 92 -5.76 -6.29 9.46
N PHE A 93 -6.26 -6.62 10.67
CA PHE A 93 -5.53 -7.43 11.64
C PHE A 93 -5.44 -8.92 11.28
N SER A 94 -6.34 -9.41 10.44
CA SER A 94 -6.48 -10.84 10.10
C SER A 94 -5.67 -11.32 8.89
N ASP A 95 -4.53 -10.68 8.61
CA ASP A 95 -3.66 -11.02 7.48
C ASP A 95 -2.89 -12.34 7.65
N VAL A 96 -2.93 -12.89 8.86
CA VAL A 96 -2.48 -14.23 9.22
C VAL A 96 -3.34 -15.33 8.56
N ILE A 97 -4.57 -15.02 8.13
CA ILE A 97 -5.44 -15.93 7.37
C ILE A 97 -5.05 -15.93 5.89
N ASN A 98 -4.81 -14.74 5.30
CA ASN A 98 -4.52 -14.59 3.87
C ASN A 98 -3.79 -13.27 3.58
N ILE A 99 -2.84 -13.27 2.64
CA ILE A 99 -2.09 -12.09 2.16
C ILE A 99 -2.40 -11.90 0.67
N ASN A 100 -3.29 -10.96 0.32
CA ASN A 100 -3.49 -10.51 -1.06
C ASN A 100 -3.84 -9.02 -1.13
N ILE A 101 -3.26 -8.27 -2.07
CA ILE A 101 -3.48 -6.83 -2.27
C ILE A 101 -3.26 -6.44 -3.74
N TYR A 102 -4.20 -5.73 -4.38
CA TYR A 102 -4.12 -5.38 -5.82
C TYR A 102 -4.27 -3.89 -6.11
N ASN A 103 -3.52 -3.39 -7.10
CA ASN A 103 -3.29 -1.96 -7.34
C ASN A 103 -3.94 -1.46 -8.65
N PRO A 104 -4.89 -0.50 -8.62
CA PRO A 104 -5.44 0.15 -9.81
C PRO A 104 -4.41 0.86 -10.71
N CYS A 105 -4.77 1.07 -11.99
CA CYS A 105 -3.90 1.55 -13.09
C CYS A 105 -2.62 0.71 -13.35
N VAL A 106 -2.60 -0.59 -13.02
CA VAL A 106 -1.43 -1.48 -13.15
C VAL A 106 -1.88 -2.77 -13.88
N VAL A 107 -1.03 -3.80 -13.90
CA VAL A 107 -1.28 -5.13 -14.48
C VAL A 107 -2.71 -5.68 -14.23
N PRO A 108 -3.32 -5.64 -13.02
CA PRO A 108 -4.71 -6.05 -12.85
C PRO A 108 -5.68 -5.07 -13.51
N ASN A 109 -6.57 -5.57 -14.37
CA ASN A 109 -7.45 -4.76 -15.22
C ASN A 109 -8.69 -4.28 -14.45
N ILE A 110 -8.52 -3.14 -13.77
CA ILE A 110 -9.48 -2.50 -12.87
C ILE A 110 -10.10 -1.26 -13.54
N ASN A 111 -11.36 -0.94 -13.26
CA ASN A 111 -12.07 0.22 -13.83
C ASN A 111 -11.51 1.58 -13.37
N ASN A 112 -11.62 2.60 -14.23
CA ASN A 112 -11.00 3.91 -14.01
C ASN A 112 -11.50 4.63 -12.75
N ALA A 113 -12.76 4.50 -12.36
CA ALA A 113 -13.28 5.08 -11.12
C ALA A 113 -12.59 4.53 -9.85
N GLU A 114 -12.18 3.25 -9.84
CA GLU A 114 -11.35 2.69 -8.76
C GLU A 114 -9.91 3.23 -8.80
N CYS A 115 -9.36 3.54 -9.98
CA CYS A 115 -8.06 4.21 -10.07
C CYS A 115 -8.11 5.68 -9.62
N GLN A 116 -9.14 6.45 -9.99
CA GLN A 116 -9.34 7.81 -9.46
C GLN A 116 -9.60 7.79 -7.94
N PHE A 117 -10.20 6.72 -7.40
CA PHE A 117 -10.31 6.52 -5.95
C PHE A 117 -8.94 6.23 -5.30
N LEU A 118 -8.04 5.48 -5.96
CA LEU A 118 -6.67 5.30 -5.48
C LEU A 118 -5.92 6.64 -5.38
N LYS A 119 -6.08 7.51 -6.39
CA LYS A 119 -5.50 8.88 -6.37
C LYS A 119 -6.12 9.79 -5.31
N SER A 120 -7.36 9.52 -4.88
CA SER A 120 -8.00 10.17 -3.72
C SER A 120 -7.49 9.64 -2.37
N VAL A 121 -7.05 8.38 -2.29
CA VAL A 121 -6.57 7.73 -1.06
C VAL A 121 -5.07 7.96 -0.81
N LEU A 122 -4.24 7.99 -1.88
CA LEU A 122 -2.77 8.10 -1.83
C LEU A 122 -2.25 9.38 -2.46
N ALA A 14 15.65 -21.84 -7.33
CA ALA A 14 16.30 -22.16 -6.05
C ALA A 14 16.83 -23.60 -6.06
N THR A 15 18.13 -23.77 -5.76
CA THR A 15 18.81 -25.06 -5.53
C THR A 15 20.00 -24.95 -4.54
N HIS A 16 20.52 -23.73 -4.32
CA HIS A 16 21.57 -23.39 -3.33
C HIS A 16 21.08 -22.44 -2.23
N ALA A 17 20.22 -21.48 -2.56
CA ALA A 17 19.63 -20.56 -1.59
C ALA A 17 18.24 -20.06 -2.02
N ALA A 18 17.38 -19.73 -1.05
CA ALA A 18 16.00 -19.30 -1.26
C ALA A 18 15.62 -18.17 -0.29
N PHE A 19 16.30 -17.02 -0.35
CA PHE A 19 16.21 -15.94 0.63
C PHE A 19 16.23 -14.53 -0.02
N GLU A 20 17.03 -14.38 -1.08
CA GLU A 20 17.21 -13.21 -1.96
C GLU A 20 17.77 -11.93 -1.28
N TYR A 21 17.91 -10.83 -2.05
CA TYR A 21 18.56 -9.55 -1.68
C TYR A 21 20.04 -9.67 -1.25
N SER A 22 20.69 -10.81 -1.49
CA SER A 22 22.03 -11.13 -0.98
C SER A 22 23.13 -11.03 -2.04
N LYS A 23 22.85 -11.44 -3.28
CA LYS A 23 23.81 -11.47 -4.41
C LYS A 23 23.30 -10.82 -5.70
N SER A 24 22.16 -10.15 -5.63
CA SER A 24 21.50 -9.37 -6.69
C SER A 24 22.38 -8.24 -7.25
N ILE A 25 22.10 -7.78 -8.48
CA ILE A 25 22.88 -6.71 -9.14
C ILE A 25 22.49 -5.30 -8.66
N GLY A 26 23.44 -4.35 -8.74
CA GLY A 26 23.29 -2.99 -8.24
C GLY A 26 23.41 -2.83 -6.72
N GLY A 27 24.04 -3.78 -6.02
CA GLY A 27 24.18 -3.78 -4.56
C GLY A 27 25.01 -2.61 -4.01
N THR A 28 26.06 -2.18 -4.72
CA THR A 28 26.96 -1.08 -4.35
C THR A 28 27.00 -0.01 -5.46
N PRO A 29 25.92 0.77 -5.66
CA PRO A 29 25.77 1.66 -6.82
C PRO A 29 26.67 2.90 -6.79
N ALA A 30 27.32 3.21 -5.67
CA ALA A 30 28.13 4.42 -5.48
C ALA A 30 29.50 4.16 -4.84
N LEU A 31 30.47 5.03 -5.15
CA LEU A 31 31.78 5.17 -4.48
C LEU A 31 31.85 6.39 -3.55
N ASP A 32 30.77 7.18 -3.48
CA ASP A 32 30.63 8.31 -2.55
C ASP A 32 30.28 7.81 -1.14
N ARG A 33 31.00 8.29 -0.12
CA ARG A 33 30.92 7.80 1.28
C ARG A 33 30.10 8.72 2.20
N ARG A 34 29.50 9.78 1.64
CA ARG A 34 28.56 10.73 2.28
C ARG A 34 27.31 10.04 2.86
N VAL A 35 26.62 10.73 3.77
CA VAL A 35 25.53 10.15 4.60
C VAL A 35 24.15 10.18 3.91
N GLN A 36 23.36 9.13 4.14
CA GLN A 36 21.96 9.01 3.71
C GLN A 36 21.12 8.29 4.79
N ASP A 37 19.88 8.75 4.99
CA ASP A 37 18.87 8.09 5.83
C ASP A 37 17.45 8.62 5.53
N VAL A 38 16.54 7.73 5.12
CA VAL A 38 15.09 7.98 5.00
C VAL A 38 14.26 7.11 5.98
N ASN A 39 14.91 6.27 6.79
CA ASN A 39 14.25 5.19 7.55
C ASN A 39 13.31 5.68 8.67
N ASP A 40 13.41 6.96 9.06
CA ASP A 40 12.57 7.63 10.05
C ASP A 40 11.13 7.89 9.55
N THR A 41 10.89 7.85 8.23
CA THR A 41 9.62 8.25 7.60
C THR A 41 9.19 7.41 6.38
N ILE A 42 10.13 7.01 5.51
CA ILE A 42 9.95 6.19 4.31
C ILE A 42 8.62 6.51 3.57
N SER A 43 7.69 5.55 3.56
CA SER A 43 6.29 5.66 3.17
C SER A 43 5.35 5.16 4.29
N ASP A 44 5.84 5.24 5.54
CA ASP A 44 5.42 4.34 6.61
C ASP A 44 3.97 4.57 7.08
N VAL A 45 3.51 5.82 7.16
CA VAL A 45 2.13 6.14 7.59
C VAL A 45 1.09 5.55 6.61
N LYS A 46 1.42 5.42 5.32
CA LYS A 46 0.57 4.74 4.32
C LYS A 46 0.90 3.24 4.19
N GLN A 47 2.09 2.79 4.57
CA GLN A 47 2.41 1.35 4.72
C GLN A 47 1.53 0.68 5.78
N LYS A 48 1.35 1.39 6.89
CA LYS A 48 0.60 0.99 8.10
C LYS A 48 -0.93 1.04 7.93
N TRP A 49 -1.40 0.92 6.69
CA TRP A 49 -2.79 0.79 6.22
C TRP A 49 -3.75 1.96 6.51
N ARG A 50 -4.83 2.06 5.72
CA ARG A 50 -6.00 2.91 5.97
C ARG A 50 -7.28 2.33 5.36
N CYS A 51 -8.45 2.72 5.88
CA CYS A 51 -9.75 2.36 5.32
C CYS A 51 -10.52 3.58 4.80
N VAL A 52 -11.44 3.35 3.85
CA VAL A 52 -12.45 4.32 3.38
C VAL A 52 -13.80 3.64 3.21
N VAL A 53 -14.84 4.47 3.14
CA VAL A 53 -16.23 4.06 2.91
C VAL A 53 -16.42 3.63 1.45
N TYR A 54 -16.99 2.43 1.26
CA TYR A 54 -17.54 1.98 -0.01
C TYR A 54 -19.01 2.41 -0.18
N PRO A 55 -19.41 2.96 -1.35
CA PRO A 55 -20.74 3.53 -1.55
C PRO A 55 -21.85 2.52 -1.28
N GLY A 56 -22.87 2.97 -0.54
CA GLY A 56 -23.82 2.07 0.13
C GLY A 56 -23.48 1.82 1.61
N ASN A 57 -22.58 2.62 2.19
CA ASN A 57 -22.13 2.56 3.59
C ASN A 57 -21.58 1.18 4.00
N GLY A 58 -20.80 0.59 3.11
CA GLY A 58 -19.80 -0.42 3.41
C GLY A 58 -18.43 0.22 3.62
N PHE A 59 -17.40 -0.61 3.79
CA PHE A 59 -16.00 -0.19 3.98
C PHE A 59 -15.02 -1.05 3.18
N VAL A 60 -13.86 -0.49 2.85
CA VAL A 60 -12.71 -1.14 2.16
C VAL A 60 -11.37 -0.72 2.77
N SER A 61 -10.30 -1.51 2.58
CA SER A 61 -8.96 -1.31 3.18
C SER A 61 -7.82 -1.30 2.14
N ALA A 62 -6.79 -0.46 2.35
CA ALA A 62 -5.65 -0.29 1.44
C ALA A 62 -4.34 0.09 2.18
N SER A 63 -3.22 0.06 1.45
CA SER A 63 -1.86 0.41 1.90
C SER A 63 -1.08 1.01 0.74
N ILE A 64 0.14 1.48 1.02
CA ILE A 64 1.09 1.82 -0.03
C ILE A 64 1.57 0.62 -0.86
N PHE A 65 1.26 -0.62 -0.44
CA PHE A 65 1.42 -1.82 -1.28
C PHE A 65 0.35 -1.88 -2.40
N GLY A 66 -0.86 -1.37 -2.15
CA GLY A 66 -2.02 -1.49 -3.03
C GLY A 66 -3.34 -1.67 -2.27
N PHE A 67 -4.33 -2.30 -2.90
CA PHE A 67 -5.67 -2.53 -2.33
C PHE A 67 -5.87 -3.99 -1.90
N GLN A 68 -6.63 -4.24 -0.84
CA GLN A 68 -6.97 -5.62 -0.47
C GLN A 68 -7.95 -6.22 -1.49
N ALA A 69 -7.62 -7.40 -2.02
CA ALA A 69 -8.27 -8.02 -3.16
C ALA A 69 -9.03 -9.31 -2.81
N GLU A 70 -10.01 -9.64 -3.66
CA GLU A 70 -10.81 -10.87 -3.61
C GLU A 70 -11.25 -11.25 -5.03
N VAL A 71 -11.51 -12.52 -5.30
CA VAL A 71 -12.06 -13.01 -6.56
C VAL A 71 -13.58 -12.86 -6.64
N GLY A 72 -14.05 -12.42 -7.80
CA GLY A 72 -15.46 -12.29 -8.18
C GLY A 72 -15.95 -13.42 -9.09
N PRO A 73 -17.24 -13.38 -9.50
CA PRO A 73 -17.86 -14.44 -10.31
C PRO A 73 -17.16 -14.62 -11.66
N ASN A 74 -17.12 -15.87 -12.12
CA ASN A 74 -16.26 -16.36 -13.20
C ASN A 74 -14.74 -16.07 -13.00
N ASN A 75 -14.28 -16.07 -11.75
CA ASN A 75 -12.90 -15.83 -11.33
C ASN A 75 -12.34 -14.48 -11.82
N THR A 76 -13.18 -13.45 -11.77
CA THR A 76 -12.82 -12.03 -11.99
C THR A 76 -12.09 -11.45 -10.77
N ARG A 77 -11.47 -10.27 -10.86
CA ARG A 77 -10.79 -9.63 -9.71
C ARG A 77 -11.59 -8.43 -9.17
N SER A 78 -11.57 -8.25 -7.85
CA SER A 78 -12.36 -7.26 -7.09
C SER A 78 -11.64 -6.77 -5.83
N ILE A 79 -12.15 -5.70 -5.20
CA ILE A 79 -11.68 -5.17 -3.89
C ILE A 79 -12.52 -5.79 -2.77
N ARG A 80 -11.87 -6.21 -1.67
CA ARG A 80 -12.53 -6.83 -0.51
C ARG A 80 -13.29 -5.79 0.33
N LYS A 81 -14.62 -5.93 0.45
CA LYS A 81 -15.53 -5.01 1.19
C LYS A 81 -16.03 -5.57 2.53
N PHE A 82 -16.46 -4.68 3.42
CA PHE A 82 -16.89 -4.95 4.79
C PHE A 82 -18.18 -4.18 5.16
N ASN A 83 -18.91 -4.60 6.21
CA ASN A 83 -20.09 -3.89 6.72
C ASN A 83 -19.75 -2.68 7.62
N THR A 84 -18.56 -2.65 8.24
CA THR A 84 -18.15 -1.64 9.24
C THR A 84 -16.66 -1.30 9.15
N MET A 85 -16.30 -0.12 9.66
CA MET A 85 -14.90 0.27 9.92
C MET A 85 -14.24 -0.70 10.91
N GLN A 86 -15.03 -1.22 11.87
CA GLN A 86 -14.52 -2.13 12.89
C GLN A 86 -14.16 -3.51 12.31
N GLN A 87 -14.89 -3.98 11.28
CA GLN A 87 -14.53 -5.14 10.47
C GLN A 87 -13.31 -4.87 9.57
N CYS A 88 -13.21 -3.70 8.92
CA CYS A 88 -12.07 -3.39 8.05
C CYS A 88 -10.75 -3.34 8.86
N ILE A 89 -10.80 -2.74 10.06
CA ILE A 89 -9.65 -2.64 10.98
C ILE A 89 -9.27 -4.02 11.52
N ASP A 90 -10.24 -4.80 12.02
CA ASP A 90 -9.95 -6.11 12.61
C ASP A 90 -9.45 -7.10 11.55
N PHE A 91 -10.01 -7.07 10.33
CA PHE A 91 -9.58 -7.97 9.24
C PHE A 91 -8.18 -7.59 8.75
N THR A 92 -7.87 -6.29 8.63
CA THR A 92 -6.52 -5.83 8.23
C THR A 92 -5.45 -6.29 9.24
N PHE A 93 -5.79 -6.38 10.54
CA PHE A 93 -4.93 -6.96 11.58
C PHE A 93 -5.07 -8.48 11.77
N SER A 94 -6.06 -9.13 11.12
CA SER A 94 -6.25 -10.60 11.07
C SER A 94 -5.29 -11.23 10.06
N ASP A 95 -4.01 -10.86 10.15
CA ASP A 95 -2.96 -11.11 9.16
C ASP A 95 -2.67 -12.60 8.88
N VAL A 96 -3.06 -13.48 9.80
CA VAL A 96 -2.95 -14.94 9.67
C VAL A 96 -3.92 -15.51 8.62
N ILE A 97 -4.91 -14.72 8.16
CA ILE A 97 -5.77 -15.01 7.00
C ILE A 97 -5.02 -14.85 5.65
N ASN A 98 -3.82 -14.25 5.68
CA ASN A 98 -3.06 -13.72 4.54
C ASN A 98 -3.81 -12.57 3.83
N ILE A 99 -3.27 -11.35 3.94
CA ILE A 99 -3.87 -10.16 3.33
C ILE A 99 -3.43 -10.09 1.87
N ASN A 100 -4.33 -10.49 0.97
CA ASN A 100 -4.09 -10.51 -0.48
C ASN A 100 -4.20 -9.09 -1.05
N ILE A 101 -3.17 -8.61 -1.76
CA ILE A 101 -3.14 -7.27 -2.37
C ILE A 101 -2.72 -7.34 -3.84
N TYR A 102 -3.28 -6.44 -4.66
CA TYR A 102 -2.76 -6.07 -5.98
C TYR A 102 -2.37 -4.58 -6.02
N ASN A 103 -1.34 -4.24 -6.79
CA ASN A 103 -0.89 -2.87 -7.00
C ASN A 103 -1.72 -2.19 -8.12
N PRO A 104 -2.15 -0.92 -7.99
CA PRO A 104 -3.06 -0.28 -8.96
C PRO A 104 -2.55 -0.25 -10.41
N CYS A 105 -3.37 -0.76 -11.34
CA CYS A 105 -3.08 -0.90 -12.77
C CYS A 105 -1.79 -1.69 -13.12
N VAL A 106 -1.33 -2.58 -12.23
CA VAL A 106 -0.09 -3.36 -12.33
C VAL A 106 -0.37 -4.85 -12.02
N VAL A 107 0.16 -5.74 -12.85
CA VAL A 107 -0.21 -7.17 -13.01
C VAL A 107 -1.67 -7.36 -13.48
N PRO A 108 -2.72 -7.48 -12.63
CA PRO A 108 -4.11 -7.36 -13.11
C PRO A 108 -4.45 -5.93 -13.55
N ASN A 109 -5.14 -5.80 -14.69
CA ASN A 109 -5.54 -4.52 -15.27
C ASN A 109 -7.00 -4.18 -14.89
N ILE A 110 -7.15 -3.47 -13.78
CA ILE A 110 -8.38 -2.80 -13.35
C ILE A 110 -8.65 -1.58 -14.26
N ASN A 111 -9.91 -1.12 -14.35
CA ASN A 111 -10.28 0.10 -15.08
C ASN A 111 -9.45 1.31 -14.61
N ASN A 112 -8.85 2.04 -15.55
CA ASN A 112 -7.82 3.06 -15.26
C ASN A 112 -8.31 4.15 -14.30
N ALA A 113 -9.55 4.65 -14.45
CA ALA A 113 -10.08 5.68 -13.55
C ALA A 113 -10.38 5.16 -12.13
N GLU A 114 -10.72 3.87 -11.98
CA GLU A 114 -10.90 3.22 -10.67
C GLU A 114 -9.56 2.98 -9.98
N CYS A 115 -8.51 2.62 -10.72
CA CYS A 115 -7.16 2.45 -10.16
C CYS A 115 -6.53 3.81 -9.78
N GLN A 116 -6.78 4.88 -10.54
CA GLN A 116 -6.39 6.24 -10.17
C GLN A 116 -7.19 6.78 -8.98
N PHE A 117 -8.49 6.43 -8.87
CA PHE A 117 -9.28 6.76 -7.68
C PHE A 117 -8.71 6.11 -6.41
N LEU A 118 -8.22 4.85 -6.51
CA LEU A 118 -7.59 4.15 -5.39
C LEU A 118 -6.24 4.78 -5.04
N LYS A 119 -5.40 5.07 -6.04
CA LYS A 119 -4.16 5.83 -5.86
C LYS A 119 -4.40 7.20 -5.19
N SER A 120 -5.55 7.82 -5.47
CA SER A 120 -5.99 9.08 -4.86
C SER A 120 -6.56 8.93 -3.44
N VAL A 121 -7.06 7.74 -3.07
CA VAL A 121 -7.51 7.39 -1.70
C VAL A 121 -6.34 7.32 -0.72
N LEU A 122 -5.17 6.82 -1.14
CA LEU A 122 -3.97 6.60 -0.31
C LEU A 122 -3.46 7.88 0.36
N ALA A 14 -25.42 38.56 20.07
CA ALA A 14 -25.69 39.29 21.33
C ALA A 14 -25.80 40.79 21.04
N THR A 15 -26.31 41.57 22.00
CA THR A 15 -26.47 43.04 21.99
C THR A 15 -27.34 43.59 20.84
N HIS A 16 -26.85 43.53 19.60
CA HIS A 16 -27.51 44.01 18.36
C HIS A 16 -27.28 43.05 17.17
N ALA A 17 -27.02 41.77 17.44
CA ALA A 17 -26.73 40.72 16.46
C ALA A 17 -27.30 39.37 16.91
N ALA A 18 -28.58 39.11 16.62
CA ALA A 18 -29.31 37.93 17.12
C ALA A 18 -28.87 36.58 16.51
N PHE A 19 -28.09 36.59 15.42
CA PHE A 19 -27.70 35.43 14.62
C PHE A 19 -26.24 35.51 14.13
N GLU A 20 -25.46 36.44 14.69
CA GLU A 20 -24.12 36.88 14.26
C GLU A 20 -23.95 37.20 12.75
N TYR A 21 -25.04 37.65 12.10
CA TYR A 21 -25.08 38.10 10.69
C TYR A 21 -24.36 37.15 9.71
N SER A 22 -25.00 36.01 9.44
CA SER A 22 -24.43 34.82 8.81
C SER A 22 -23.22 34.25 9.57
N LYS A 23 -22.05 34.86 9.38
CA LYS A 23 -20.77 34.68 10.08
C LYS A 23 -19.98 35.99 10.00
N SER A 24 -20.48 37.04 10.64
CA SER A 24 -19.99 38.43 10.65
C SER A 24 -20.03 39.19 9.31
N ILE A 25 -20.03 38.50 8.17
CA ILE A 25 -20.20 39.05 6.80
C ILE A 25 -21.03 38.11 5.92
N GLY A 26 -21.62 38.65 4.85
CA GLY A 26 -22.08 37.90 3.68
C GLY A 26 -23.03 36.74 3.98
N GLY A 27 -22.63 35.54 3.51
CA GLY A 27 -23.39 34.30 3.62
C GLY A 27 -22.66 33.18 4.36
N THR A 28 -22.89 31.94 3.94
CA THR A 28 -22.40 30.73 4.60
C THR A 28 -20.87 30.57 4.42
N PRO A 29 -20.18 29.93 5.37
CA PRO A 29 -18.72 29.80 5.33
C PRO A 29 -18.24 28.75 4.31
N ALA A 30 -16.93 28.74 4.04
CA ALA A 30 -16.30 27.91 3.03
C ALA A 30 -16.14 26.43 3.43
N LEU A 31 -15.90 25.56 2.44
CA LEU A 31 -15.58 24.14 2.63
C LEU A 31 -14.09 23.90 2.97
N ASP A 32 -13.79 22.70 3.49
CA ASP A 32 -12.42 22.21 3.69
C ASP A 32 -11.70 21.96 2.36
N ARG A 33 -12.34 21.22 1.44
CA ARG A 33 -11.99 20.98 0.02
C ARG A 33 -10.56 20.49 -0.31
N ARG A 34 -9.67 20.38 0.68
CA ARG A 34 -8.23 20.08 0.55
C ARG A 34 -7.90 18.58 0.46
N VAL A 35 -6.82 18.24 -0.24
CA VAL A 35 -6.28 16.88 -0.34
C VAL A 35 -5.40 16.52 0.88
N GLN A 36 -5.22 15.22 1.13
CA GLN A 36 -4.54 14.71 2.31
C GLN A 36 -3.03 15.02 2.33
N ASP A 37 -2.47 15.27 3.52
CA ASP A 37 -1.05 15.63 3.69
C ASP A 37 -0.11 14.47 3.31
N VAL A 38 0.96 14.81 2.56
CA VAL A 38 1.98 13.89 2.04
C VAL A 38 3.17 13.79 2.99
N ASN A 39 3.62 14.93 3.54
CA ASN A 39 4.55 15.00 4.64
C ASN A 39 4.45 16.33 5.41
N ASP A 40 3.96 16.20 6.63
CA ASP A 40 3.94 17.21 7.70
C ASP A 40 4.30 16.56 9.06
N THR A 41 3.86 15.32 9.28
CA THR A 41 4.17 14.46 10.44
C THR A 41 4.45 13.01 9.98
N ILE A 42 4.83 12.84 8.71
CA ILE A 42 4.84 11.58 7.94
C ILE A 42 3.45 10.91 7.84
N SER A 43 3.21 10.26 6.70
CA SER A 43 1.95 9.62 6.32
C SER A 43 2.14 8.11 6.02
N ASP A 44 3.22 7.50 6.52
CA ASP A 44 3.65 6.13 6.20
C ASP A 44 2.74 4.99 6.73
N VAL A 45 1.62 5.32 7.36
CA VAL A 45 0.44 4.43 7.44
C VAL A 45 -0.05 3.99 6.04
N LYS A 46 0.26 4.77 4.99
CA LYS A 46 0.07 4.41 3.56
C LYS A 46 0.90 3.19 3.11
N GLN A 47 1.89 2.78 3.91
CA GLN A 47 2.65 1.52 3.75
C GLN A 47 2.34 0.49 4.86
N LYS A 48 1.48 0.82 5.83
CA LYS A 48 1.15 0.02 7.03
C LYS A 48 -0.35 -0.18 7.28
N TRP A 49 -1.15 -0.12 6.21
CA TRP A 49 -2.61 -0.27 6.11
C TRP A 49 -3.53 0.60 7.00
N ARG A 50 -4.58 1.13 6.36
CA ARG A 50 -5.76 1.79 6.97
C ARG A 50 -7.03 1.52 6.15
N CYS A 51 -8.19 1.71 6.77
CA CYS A 51 -9.50 1.51 6.14
C CYS A 51 -10.10 2.80 5.56
N VAL A 52 -10.84 2.65 4.46
CA VAL A 52 -11.56 3.69 3.70
C VAL A 52 -12.90 3.13 3.22
N VAL A 53 -13.78 3.99 2.71
CA VAL A 53 -15.11 3.60 2.20
C VAL A 53 -15.12 3.57 0.67
N TYR A 54 -15.52 2.44 0.08
CA TYR A 54 -15.91 2.33 -1.32
C TYR A 54 -17.42 2.53 -1.51
N PRO A 55 -17.88 3.27 -2.53
CA PRO A 55 -19.30 3.59 -2.70
C PRO A 55 -20.21 2.36 -2.77
N GLY A 56 -21.24 2.34 -1.92
CA GLY A 56 -22.07 1.16 -1.63
C GLY A 56 -22.05 0.69 -0.17
N ASN A 57 -21.58 1.55 0.75
CA ASN A 57 -21.33 1.24 2.17
C ASN A 57 -20.35 0.07 2.40
N GLY A 58 -19.42 -0.08 1.47
CA GLY A 58 -18.38 -1.10 1.49
C GLY A 58 -17.09 -0.58 2.11
N PHE A 59 -16.78 -0.94 3.36
CA PHE A 59 -15.51 -0.60 3.99
C PHE A 59 -14.39 -1.51 3.44
N VAL A 60 -13.27 -0.92 3.02
CA VAL A 60 -12.14 -1.61 2.37
C VAL A 60 -10.80 -1.16 2.95
N SER A 61 -9.80 -2.06 3.01
CA SER A 61 -8.47 -1.77 3.57
C SER A 61 -7.42 -1.51 2.48
N ALA A 62 -6.58 -0.49 2.66
CA ALA A 62 -5.74 0.09 1.60
C ALA A 62 -4.29 0.44 2.03
N SER A 63 -3.36 0.36 1.07
CA SER A 63 -2.00 0.93 1.09
C SER A 63 -1.51 1.11 -0.34
N ILE A 64 -0.34 1.73 -0.51
CA ILE A 64 0.32 1.83 -1.82
C ILE A 64 0.67 0.45 -2.41
N PHE A 65 0.76 -0.58 -1.56
CA PHE A 65 1.00 -1.98 -1.94
C PHE A 65 -0.28 -2.71 -2.39
N GLY A 66 -1.46 -2.14 -2.11
CA GLY A 66 -2.74 -2.63 -2.61
C GLY A 66 -3.94 -2.36 -1.71
N PHE A 67 -5.12 -2.45 -2.33
CA PHE A 67 -6.38 -2.70 -1.64
C PHE A 67 -6.52 -4.22 -1.44
N GLN A 68 -7.18 -4.64 -0.35
CA GLN A 68 -7.51 -6.05 -0.14
C GLN A 68 -8.48 -6.55 -1.24
N ALA A 69 -8.24 -7.74 -1.80
CA ALA A 69 -8.92 -8.27 -2.97
C ALA A 69 -9.44 -9.72 -2.81
N GLU A 70 -10.42 -10.09 -3.63
CA GLU A 70 -11.10 -11.40 -3.64
C GLU A 70 -11.39 -11.86 -5.09
N VAL A 71 -11.22 -13.15 -5.38
CA VAL A 71 -11.33 -13.73 -6.72
C VAL A 71 -12.58 -14.61 -6.88
N GLY A 72 -13.39 -14.29 -7.88
CA GLY A 72 -14.74 -14.84 -8.08
C GLY A 72 -14.81 -16.14 -8.91
N PRO A 73 -15.85 -16.99 -8.74
CA PRO A 73 -15.96 -18.32 -9.37
C PRO A 73 -15.81 -18.38 -10.89
N ASN A 74 -16.20 -17.33 -11.64
CA ASN A 74 -16.08 -17.27 -13.10
C ASN A 74 -14.72 -16.69 -13.57
N ASN A 75 -13.64 -16.90 -12.80
CA ASN A 75 -12.30 -16.37 -13.05
C ASN A 75 -12.31 -14.83 -13.17
N THR A 76 -12.92 -14.19 -12.17
CA THR A 76 -13.02 -12.72 -12.02
C THR A 76 -12.25 -12.21 -10.80
N ARG A 77 -12.12 -10.87 -10.67
CA ARG A 77 -11.44 -10.16 -9.57
C ARG A 77 -12.26 -8.97 -9.06
N SER A 78 -12.36 -8.83 -7.73
CA SER A 78 -13.02 -7.71 -7.03
C SER A 78 -12.26 -7.28 -5.77
N ILE A 79 -12.54 -6.07 -5.26
CA ILE A 79 -12.02 -5.59 -3.97
C ILE A 79 -12.82 -6.28 -2.83
N ARG A 80 -12.13 -6.74 -1.77
CA ARG A 80 -12.77 -7.37 -0.59
C ARG A 80 -13.41 -6.27 0.27
N LYS A 81 -14.73 -6.38 0.52
CA LYS A 81 -15.52 -5.39 1.27
C LYS A 81 -16.04 -5.92 2.60
N PHE A 82 -16.29 -5.02 3.53
CA PHE A 82 -16.85 -5.30 4.86
C PHE A 82 -17.99 -4.32 5.20
N ASN A 83 -18.93 -4.73 6.04
CA ASN A 83 -20.13 -3.94 6.36
C ASN A 83 -19.91 -2.87 7.46
N THR A 84 -18.78 -2.90 8.17
CA THR A 84 -18.42 -1.92 9.22
C THR A 84 -16.94 -1.54 9.14
N MET A 85 -16.63 -0.34 9.62
CA MET A 85 -15.25 0.09 9.84
C MET A 85 -14.55 -0.88 10.81
N GLN A 86 -15.27 -1.46 11.76
CA GLN A 86 -14.72 -2.34 12.79
C GLN A 86 -14.37 -3.74 12.27
N GLN A 87 -15.16 -4.29 11.33
CA GLN A 87 -14.77 -5.48 10.56
C GLN A 87 -13.51 -5.19 9.73
N CYS A 88 -13.44 -4.04 9.06
CA CYS A 88 -12.28 -3.68 8.25
C CYS A 88 -11.01 -3.50 9.12
N ILE A 89 -11.14 -2.89 10.30
CA ILE A 89 -10.06 -2.72 11.29
C ILE A 89 -9.55 -4.09 11.78
N ASP A 90 -10.46 -5.01 12.11
CA ASP A 90 -10.13 -6.35 12.59
C ASP A 90 -9.44 -7.20 11.52
N PHE A 91 -9.96 -7.18 10.29
CA PHE A 91 -9.32 -7.86 9.14
C PHE A 91 -8.00 -7.19 8.70
N THR A 92 -7.81 -5.91 9.00
CA THR A 92 -6.52 -5.21 8.77
C THR A 92 -5.45 -5.63 9.79
N PHE A 93 -5.79 -5.77 11.08
CA PHE A 93 -4.84 -6.23 12.10
C PHE A 93 -4.57 -7.75 12.05
N SER A 94 -5.51 -8.51 11.48
CA SER A 94 -5.50 -9.98 11.38
C SER A 94 -4.82 -10.50 10.10
N ASP A 95 -3.69 -9.92 9.73
CA ASP A 95 -2.98 -10.21 8.47
C ASP A 95 -2.44 -11.65 8.30
N VAL A 96 -2.55 -12.48 9.35
CA VAL A 96 -2.39 -13.95 9.31
C VAL A 96 -3.44 -14.65 8.43
N ILE A 97 -4.59 -14.02 8.20
CA ILE A 97 -5.63 -14.49 7.24
C ILE A 97 -5.15 -14.37 5.78
N ASN A 98 -4.07 -13.60 5.52
CA ASN A 98 -3.42 -13.43 4.22
C ASN A 98 -4.41 -13.05 3.10
N ILE A 99 -5.17 -11.97 3.32
CA ILE A 99 -6.04 -11.39 2.29
C ILE A 99 -5.15 -10.82 1.17
N ASN A 100 -5.41 -11.23 -0.06
CA ASN A 100 -4.68 -10.85 -1.27
C ASN A 100 -4.71 -9.31 -1.46
N ILE A 101 -3.67 -8.70 -2.05
CA ILE A 101 -3.54 -7.23 -2.14
C ILE A 101 -3.07 -6.75 -3.53
N TYR A 102 -3.90 -5.94 -4.20
CA TYR A 102 -3.61 -5.40 -5.54
C TYR A 102 -3.71 -3.86 -5.60
N ASN A 103 -2.74 -3.22 -6.25
CA ASN A 103 -2.57 -1.77 -6.37
C ASN A 103 -2.83 -1.24 -7.81
N PRO A 104 -3.78 -0.31 -8.02
CA PRO A 104 -3.99 0.34 -9.31
C PRO A 104 -2.77 1.11 -9.86
N CYS A 105 -2.68 1.18 -11.19
CA CYS A 105 -1.54 1.75 -11.93
C CYS A 105 -0.17 1.07 -11.63
N VAL A 106 -0.18 -0.24 -11.30
CA VAL A 106 1.01 -1.08 -10.99
C VAL A 106 0.83 -2.45 -11.67
N VAL A 107 1.68 -3.42 -11.37
CA VAL A 107 1.65 -4.83 -11.84
C VAL A 107 0.23 -5.41 -12.03
N PRO A 108 -0.69 -5.40 -11.04
CA PRO A 108 -2.03 -5.96 -11.25
C PRO A 108 -2.91 -5.01 -12.09
N ASN A 109 -3.62 -5.57 -13.06
CA ASN A 109 -4.53 -4.84 -13.96
C ASN A 109 -5.86 -4.51 -13.24
N ILE A 110 -5.90 -3.36 -12.56
CA ILE A 110 -7.10 -2.79 -11.90
C ILE A 110 -7.63 -1.61 -12.71
N ASN A 111 -8.92 -1.28 -12.61
CA ASN A 111 -9.54 -0.22 -13.41
C ASN A 111 -8.93 1.17 -13.17
N ASN A 112 -8.87 1.99 -14.21
CA ASN A 112 -8.32 3.36 -14.14
C ASN A 112 -9.23 4.32 -13.34
N ALA A 113 -10.54 4.05 -13.25
CA ALA A 113 -11.44 4.72 -12.31
C ALA A 113 -11.08 4.39 -10.84
N GLU A 114 -10.63 3.17 -10.56
CA GLU A 114 -10.11 2.78 -9.24
C GLU A 114 -8.70 3.33 -8.99
N CYS A 115 -7.90 3.62 -10.02
CA CYS A 115 -6.67 4.42 -9.87
C CYS A 115 -6.97 5.90 -9.56
N GLN A 116 -8.04 6.48 -10.13
CA GLN A 116 -8.53 7.81 -9.76
C GLN A 116 -9.07 7.84 -8.31
N PHE A 117 -9.68 6.75 -7.83
CA PHE A 117 -10.02 6.58 -6.42
C PHE A 117 -8.76 6.51 -5.53
N LEU A 118 -7.68 5.83 -5.96
CA LEU A 118 -6.41 5.80 -5.23
C LEU A 118 -5.79 7.20 -5.12
N LYS A 119 -5.89 8.01 -6.17
CA LYS A 119 -5.44 9.41 -6.19
C LYS A 119 -6.19 10.29 -5.18
N SER A 120 -7.45 9.96 -4.88
CA SER A 120 -8.24 10.62 -3.81
C SER A 120 -7.99 10.02 -2.42
N VAL A 121 -7.59 8.75 -2.33
CA VAL A 121 -7.33 8.02 -1.06
C VAL A 121 -5.97 8.36 -0.43
N LEU A 122 -4.94 8.66 -1.23
CA LEU A 122 -3.57 8.96 -0.76
C LEU A 122 -3.40 10.43 -0.33
N ALA A 14 32.29 -14.83 25.14
CA ALA A 14 33.29 -14.91 24.05
C ALA A 14 34.27 -13.74 24.15
N THR A 15 35.47 -13.87 23.59
CA THR A 15 36.47 -12.77 23.60
C THR A 15 36.28 -11.73 22.49
N HIS A 16 35.44 -12.01 21.48
CA HIS A 16 35.09 -11.05 20.42
C HIS A 16 33.65 -11.26 19.89
N ALA A 17 33.07 -10.18 19.35
CA ALA A 17 31.73 -10.12 18.78
C ALA A 17 31.47 -11.17 17.68
N ALA A 18 30.30 -11.81 17.77
CA ALA A 18 29.91 -12.98 16.98
C ALA A 18 28.75 -12.68 16.01
N PHE A 19 28.65 -13.47 14.94
CA PHE A 19 27.57 -13.38 13.94
C PHE A 19 27.29 -14.70 13.22
N GLU A 20 27.98 -15.80 13.60
CA GLU A 20 27.86 -17.16 13.03
C GLU A 20 28.18 -17.27 11.52
N TYR A 21 28.97 -16.33 10.98
CA TYR A 21 29.51 -16.32 9.62
C TYR A 21 28.48 -16.54 8.49
N SER A 22 28.33 -17.77 7.97
CA SER A 22 27.40 -18.10 6.89
C SER A 22 25.93 -18.18 7.33
N LYS A 23 25.67 -18.47 8.61
CA LYS A 23 24.32 -18.81 9.12
C LYS A 23 23.39 -17.60 9.34
N SER A 24 23.92 -16.38 9.25
CA SER A 24 23.18 -15.11 9.39
C SER A 24 22.77 -14.45 8.06
N ILE A 25 22.98 -15.14 6.93
CA ILE A 25 22.47 -14.80 5.58
C ILE A 25 22.74 -13.36 5.11
N GLY A 26 23.95 -12.84 5.37
CA GLY A 26 24.41 -11.54 4.89
C GLY A 26 23.72 -10.35 5.58
N GLY A 27 23.72 -10.33 6.91
CA GLY A 27 23.10 -9.28 7.71
C GLY A 27 23.92 -7.97 7.70
N THR A 28 23.23 -6.83 7.59
CA THR A 28 23.78 -5.47 7.68
C THR A 28 22.63 -4.45 7.85
N PRO A 29 22.74 -3.40 8.71
CA PRO A 29 21.68 -2.41 8.89
C PRO A 29 21.35 -1.62 7.62
N ALA A 30 20.08 -1.27 7.42
CA ALA A 30 19.60 -0.40 6.33
C ALA A 30 19.04 0.92 6.88
N LEU A 31 19.77 2.02 6.66
CA LEU A 31 19.62 3.29 7.39
C LEU A 31 19.54 4.52 6.47
N ASP A 32 18.67 5.47 6.84
CA ASP A 32 18.36 6.71 6.11
C ASP A 32 18.03 6.46 4.62
N ARG A 33 19.03 6.54 3.72
CA ARG A 33 18.90 6.35 2.26
C ARG A 33 17.93 7.30 1.55
N ARG A 34 17.55 8.41 2.20
CA ARG A 34 16.42 9.29 1.84
C ARG A 34 16.67 10.76 2.22
N VAL A 35 15.82 11.68 1.73
CA VAL A 35 15.80 13.07 2.19
C VAL A 35 15.07 13.15 3.54
N GLN A 36 15.75 13.68 4.55
CA GLN A 36 15.41 13.45 5.96
C GLN A 36 15.15 14.75 6.74
N ASP A 37 14.08 14.75 7.52
CA ASP A 37 13.73 15.74 8.55
C ASP A 37 13.44 15.00 9.88
N VAL A 38 13.13 15.71 10.97
CA VAL A 38 12.67 15.07 12.22
C VAL A 38 11.23 14.51 12.07
N ASN A 39 10.37 15.22 11.33
CA ASN A 39 8.97 14.81 11.10
C ASN A 39 8.40 15.15 9.71
N ASP A 40 8.91 16.17 8.99
CA ASP A 40 8.25 16.70 7.78
C ASP A 40 8.34 15.77 6.56
N THR A 41 9.45 15.04 6.40
CA THR A 41 9.61 14.04 5.32
C THR A 41 9.28 12.61 5.77
N ILE A 42 8.61 12.42 6.91
CA ILE A 42 8.17 11.10 7.42
C ILE A 42 6.63 11.07 7.43
N SER A 43 6.04 10.02 6.86
CA SER A 43 4.59 9.84 6.68
C SER A 43 4.21 8.37 6.92
N ASP A 44 4.24 7.98 8.21
CA ASP A 44 4.11 6.61 8.71
C ASP A 44 2.78 5.91 8.35
N VAL A 45 1.70 6.67 8.16
CA VAL A 45 0.37 6.11 7.89
C VAL A 45 0.27 5.50 6.48
N LYS A 46 1.06 5.97 5.50
CA LYS A 46 1.07 5.36 4.15
C LYS A 46 1.56 3.91 4.15
N GLN A 47 2.31 3.50 5.18
CA GLN A 47 2.77 2.12 5.40
C GLN A 47 1.93 1.33 6.43
N LYS A 48 1.10 2.03 7.21
CA LYS A 48 0.31 1.44 8.33
C LYS A 48 -1.07 0.90 7.90
N TRP A 49 -1.45 1.02 6.63
CA TRP A 49 -2.81 0.82 6.09
C TRP A 49 -3.86 1.82 6.62
N ARG A 50 -4.91 2.07 5.82
CA ARG A 50 -6.06 2.94 6.14
C ARG A 50 -7.34 2.41 5.48
N CYS A 51 -8.45 2.41 6.21
CA CYS A 51 -9.78 2.09 5.70
C CYS A 51 -10.62 3.35 5.43
N VAL A 52 -11.48 3.31 4.40
CA VAL A 52 -12.36 4.40 3.95
C VAL A 52 -13.69 3.84 3.43
N VAL A 53 -14.72 4.69 3.34
CA VAL A 53 -16.02 4.35 2.74
C VAL A 53 -16.01 4.57 1.22
N TYR A 54 -16.17 3.48 0.47
CA TYR A 54 -16.31 3.43 -1.00
C TYR A 54 -17.77 3.56 -1.45
N PRO A 55 -18.05 4.10 -2.66
CA PRO A 55 -19.41 4.29 -3.14
C PRO A 55 -20.25 3.01 -3.19
N GLY A 56 -21.43 3.05 -2.56
CA GLY A 56 -22.17 1.86 -2.13
C GLY A 56 -22.19 1.66 -0.60
N ASN A 57 -21.63 2.60 0.17
CA ASN A 57 -21.57 2.61 1.65
C ASN A 57 -20.81 1.42 2.26
N GLY A 58 -19.85 0.92 1.50
CA GLY A 58 -19.00 -0.23 1.80
C GLY A 58 -17.60 0.22 2.19
N PHE A 59 -17.12 -0.30 3.30
CA PHE A 59 -15.78 -0.03 3.83
C PHE A 59 -14.73 -0.85 3.04
N VAL A 60 -13.60 -0.23 2.68
CA VAL A 60 -12.47 -0.86 1.95
C VAL A 60 -11.13 -0.42 2.54
N SER A 61 -10.11 -1.29 2.52
CA SER A 61 -8.79 -1.04 3.14
C SER A 61 -7.64 -1.06 2.12
N ALA A 62 -6.72 -0.09 2.25
CA ALA A 62 -5.59 0.13 1.36
C ALA A 62 -4.32 0.65 2.08
N SER A 63 -3.18 0.59 1.40
CA SER A 63 -1.88 1.13 1.80
C SER A 63 -1.04 1.41 0.56
N ILE A 64 0.20 1.87 0.77
CA ILE A 64 1.16 2.02 -0.32
C ILE A 64 1.41 0.72 -1.10
N PHE A 65 1.25 -0.41 -0.42
CA PHE A 65 1.49 -1.77 -0.91
C PHE A 65 0.29 -2.38 -1.69
N GLY A 66 -0.87 -1.71 -1.72
CA GLY A 66 -2.07 -2.12 -2.46
C GLY A 66 -3.39 -2.06 -1.66
N PHE A 67 -4.47 -2.56 -2.27
CA PHE A 67 -5.74 -2.88 -1.63
C PHE A 67 -5.76 -4.34 -1.14
N GLN A 68 -6.57 -4.65 -0.11
CA GLN A 68 -6.95 -6.04 0.18
C GLN A 68 -7.96 -6.57 -0.85
N ALA A 69 -7.74 -7.78 -1.37
CA ALA A 69 -8.46 -8.34 -2.50
C ALA A 69 -9.04 -9.75 -2.25
N GLU A 70 -9.99 -10.14 -3.08
CA GLU A 70 -10.56 -11.49 -3.19
C GLU A 70 -10.67 -11.87 -4.67
N VAL A 71 -10.16 -13.05 -5.05
CA VAL A 71 -10.19 -13.58 -6.39
C VAL A 71 -11.40 -14.47 -6.64
N GLY A 72 -12.02 -14.33 -7.81
CA GLY A 72 -13.08 -15.19 -8.33
C GLY A 72 -12.57 -16.40 -9.13
N PRO A 73 -13.23 -17.57 -9.07
CA PRO A 73 -12.83 -18.80 -9.79
C PRO A 73 -12.85 -18.70 -11.33
N ASN A 74 -13.39 -17.63 -11.92
CA ASN A 74 -13.20 -17.27 -13.33
C ASN A 74 -11.88 -16.52 -13.61
N ASN A 75 -10.94 -16.47 -12.64
CA ASN A 75 -9.71 -15.66 -12.68
C ASN A 75 -10.03 -14.15 -12.80
N THR A 76 -10.91 -13.66 -11.93
CA THR A 76 -11.30 -12.24 -11.78
C THR A 76 -10.82 -11.70 -10.44
N ARG A 77 -10.53 -10.39 -10.35
CA ARG A 77 -9.94 -9.77 -9.14
C ARG A 77 -10.76 -8.59 -8.63
N SER A 78 -11.19 -8.67 -7.37
CA SER A 78 -12.03 -7.64 -6.73
C SER A 78 -11.45 -7.17 -5.40
N ILE A 79 -11.71 -5.91 -5.03
CA ILE A 79 -11.38 -5.33 -3.71
C ILE A 79 -12.37 -5.86 -2.67
N ARG A 80 -11.90 -6.17 -1.45
CA ARG A 80 -12.75 -6.61 -0.34
C ARG A 80 -13.59 -5.47 0.22
N LYS A 81 -14.91 -5.67 0.31
CA LYS A 81 -15.90 -4.70 0.81
C LYS A 81 -16.54 -5.20 2.10
N PHE A 82 -16.57 -4.34 3.13
CA PHE A 82 -17.05 -4.63 4.49
C PHE A 82 -18.26 -3.75 4.86
N ASN A 83 -19.02 -4.16 5.88
CA ASN A 83 -20.21 -3.46 6.36
C ASN A 83 -19.90 -2.42 7.46
N THR A 84 -18.85 -2.67 8.27
CA THR A 84 -18.39 -1.77 9.36
C THR A 84 -16.91 -1.42 9.22
N MET A 85 -16.54 -0.26 9.75
CA MET A 85 -15.13 0.13 9.95
C MET A 85 -14.39 -0.91 10.80
N GLN A 86 -15.08 -1.52 11.77
CA GLN A 86 -14.49 -2.49 12.69
C GLN A 86 -14.22 -3.85 12.02
N GLN A 87 -15.08 -4.30 11.09
CA GLN A 87 -14.78 -5.43 10.20
C GLN A 87 -13.56 -5.14 9.32
N CYS A 88 -13.48 -3.92 8.79
CA CYS A 88 -12.41 -3.47 7.89
C CYS A 88 -11.05 -3.47 8.62
N ILE A 89 -11.01 -2.95 9.84
CA ILE A 89 -9.82 -2.94 10.71
C ILE A 89 -9.42 -4.36 11.11
N ASP A 90 -10.39 -5.21 11.48
CA ASP A 90 -10.10 -6.58 11.93
C ASP A 90 -9.43 -7.39 10.81
N PHE A 91 -9.92 -7.24 9.57
CA PHE A 91 -9.33 -7.88 8.39
C PHE A 91 -8.02 -7.22 7.93
N THR A 92 -7.86 -5.90 8.12
CA THR A 92 -6.61 -5.17 7.86
C THR A 92 -5.45 -5.72 8.69
N PHE A 93 -5.68 -6.11 9.96
CA PHE A 93 -4.65 -6.70 10.83
C PHE A 93 -4.61 -8.24 10.84
N SER A 94 -5.55 -8.91 10.18
CA SER A 94 -5.61 -10.38 10.03
C SER A 94 -4.62 -10.98 9.01
N ASP A 95 -3.40 -10.46 8.97
CA ASP A 95 -2.27 -11.01 8.16
C ASP A 95 -1.99 -12.51 8.42
N VAL A 96 -2.45 -12.99 9.57
CA VAL A 96 -2.51 -14.40 9.97
C VAL A 96 -3.15 -15.30 8.90
N ILE A 97 -4.07 -14.76 8.09
CA ILE A 97 -4.83 -15.46 7.05
C ILE A 97 -4.03 -15.65 5.73
N ASN A 98 -2.92 -14.93 5.52
CA ASN A 98 -2.19 -14.86 4.23
C ASN A 98 -3.09 -14.33 3.10
N ILE A 99 -3.54 -13.10 3.32
CA ILE A 99 -4.52 -12.38 2.52
C ILE A 99 -3.92 -12.02 1.14
N ASN A 100 -4.70 -12.18 0.08
CA ASN A 100 -4.37 -11.68 -1.26
C ASN A 100 -4.59 -10.17 -1.38
N ILE A 101 -3.69 -9.50 -2.10
CA ILE A 101 -3.66 -8.05 -2.30
C ILE A 101 -3.46 -7.71 -3.77
N TYR A 102 -3.88 -6.52 -4.22
CA TYR A 102 -3.59 -5.99 -5.56
C TYR A 102 -3.30 -4.48 -5.53
N ASN A 103 -2.29 -4.05 -6.30
CA ASN A 103 -1.74 -2.69 -6.29
C ASN A 103 -1.91 -1.97 -7.64
N PRO A 104 -2.86 -1.01 -7.76
CA PRO A 104 -3.05 -0.20 -8.96
C PRO A 104 -1.87 0.72 -9.30
N CYS A 105 -1.71 1.04 -10.59
CA CYS A 105 -0.58 1.78 -11.15
C CYS A 105 0.80 1.12 -10.91
N VAL A 106 0.84 -0.22 -10.89
CA VAL A 106 2.06 -1.05 -10.78
C VAL A 106 1.97 -2.14 -11.87
N VAL A 107 2.79 -3.20 -11.86
CA VAL A 107 2.80 -4.23 -12.91
C VAL A 107 1.43 -4.89 -13.23
N PRO A 108 0.46 -5.11 -12.30
CA PRO A 108 -0.87 -5.60 -12.67
C PRO A 108 -1.73 -4.48 -13.29
N ASN A 109 -2.33 -4.77 -14.45
CA ASN A 109 -3.17 -3.85 -15.23
C ASN A 109 -4.60 -3.78 -14.67
N ILE A 110 -4.84 -2.79 -13.80
CA ILE A 110 -6.11 -2.50 -13.12
C ILE A 110 -6.75 -1.22 -13.70
N ASN A 111 -8.08 -1.08 -13.63
CA ASN A 111 -8.81 0.12 -14.09
C ASN A 111 -8.28 1.46 -13.48
N ASN A 112 -8.22 2.50 -14.31
CA ASN A 112 -7.59 3.78 -13.98
C ASN A 112 -8.27 4.58 -12.86
N ALA A 113 -9.60 4.46 -12.71
CA ALA A 113 -10.33 5.14 -11.63
C ALA A 113 -10.15 4.45 -10.26
N GLU A 114 -9.93 3.13 -10.25
CA GLU A 114 -9.55 2.38 -9.03
C GLU A 114 -8.16 2.83 -8.54
N CYS A 115 -7.22 3.15 -9.44
CA CYS A 115 -5.97 3.79 -9.05
C CYS A 115 -6.17 5.23 -8.51
N GLN A 116 -7.15 5.99 -9.03
CA GLN A 116 -7.48 7.31 -8.47
C GLN A 116 -8.17 7.23 -7.09
N PHE A 117 -8.88 6.14 -6.76
CA PHE A 117 -9.31 5.87 -5.38
C PHE A 117 -8.10 5.63 -4.45
N LEU A 118 -7.10 4.83 -4.87
CA LEU A 118 -5.88 4.59 -4.08
C LEU A 118 -5.17 5.92 -3.78
N LYS A 119 -5.05 6.77 -4.80
CA LYS A 119 -4.48 8.14 -4.69
C LYS A 119 -5.41 9.15 -4.00
N SER A 120 -6.65 8.76 -3.72
CA SER A 120 -7.56 9.47 -2.80
C SER A 120 -7.45 9.00 -1.33
N VAL A 121 -6.75 7.89 -1.05
CA VAL A 121 -6.45 7.43 0.33
C VAL A 121 -5.12 7.96 0.88
N LEU A 122 -4.08 8.07 0.05
CA LEU A 122 -2.68 8.43 0.43
C LEU A 122 -2.07 9.64 -0.33
#